data_8EPE
# 
_entry.id   8EPE 
# 
_audit_conform.dict_name       mmcif_pdbx.dic 
_audit_conform.dict_version    5.389 
_audit_conform.dict_location   http://mmcif.pdb.org/dictionaries/ascii/mmcif_pdbx.dic 
# 
loop_
_database_2.database_id 
_database_2.database_code 
_database_2.pdbx_database_accession 
_database_2.pdbx_DOI 
PDB   8EPE         pdb_00008epe 10.2210/pdb8epe/pdb 
WWPDB D_1000269166 ?            ?                   
# 
loop_
_pdbx_audit_revision_history.ordinal 
_pdbx_audit_revision_history.data_content_type 
_pdbx_audit_revision_history.major_revision 
_pdbx_audit_revision_history.minor_revision 
_pdbx_audit_revision_history.revision_date 
1 'Structure model' 1 0 2023-03-08 
2 'Structure model' 1 1 2023-03-15 
3 'Structure model' 1 2 2024-04-03 
# 
_pdbx_audit_revision_details.ordinal             1 
_pdbx_audit_revision_details.revision_ordinal    1 
_pdbx_audit_revision_details.data_content_type   'Structure model' 
_pdbx_audit_revision_details.provider            repository 
_pdbx_audit_revision_details.type                'Initial release' 
_pdbx_audit_revision_details.description         ? 
_pdbx_audit_revision_details.details             ? 
# 
loop_
_pdbx_audit_revision_group.ordinal 
_pdbx_audit_revision_group.revision_ordinal 
_pdbx_audit_revision_group.data_content_type 
_pdbx_audit_revision_group.group 
1 2 'Structure model' 'Database references'    
2 3 'Structure model' 'Data collection'        
3 3 'Structure model' 'Refinement description' 
# 
loop_
_pdbx_audit_revision_category.ordinal 
_pdbx_audit_revision_category.revision_ordinal 
_pdbx_audit_revision_category.data_content_type 
_pdbx_audit_revision_category.category 
1 2 'Structure model' citation                      
2 2 'Structure model' citation_author               
3 3 'Structure model' chem_comp_atom                
4 3 'Structure model' chem_comp_bond                
5 3 'Structure model' pdbx_initial_refinement_model 
# 
loop_
_pdbx_audit_revision_item.ordinal 
_pdbx_audit_revision_item.revision_ordinal 
_pdbx_audit_revision_item.data_content_type 
_pdbx_audit_revision_item.item 
1 2 'Structure model' '_citation.journal_volume'          
2 2 'Structure model' '_citation.page_first'              
3 2 'Structure model' '_citation.page_last'               
4 2 'Structure model' '_citation_author.identifier_ORCID' 
# 
_pdbx_database_status.status_code                     REL 
_pdbx_database_status.status_code_sf                  REL 
_pdbx_database_status.status_code_mr                  ? 
_pdbx_database_status.entry_id                        8EPE 
_pdbx_database_status.recvd_initial_deposition_date   2022-10-05 
_pdbx_database_status.SG_entry                        N 
_pdbx_database_status.deposit_site                    RCSB 
_pdbx_database_status.process_site                    RCSB 
_pdbx_database_status.status_code_cs                  ? 
_pdbx_database_status.status_code_nmr_data            ? 
_pdbx_database_status.methods_development_category    ? 
_pdbx_database_status.pdb_format_compatible           Y 
# 
_pdbx_contact_author.id                 2 
_pdbx_contact_author.email              mao@purdue.edu 
_pdbx_contact_author.name_first         Chengde 
_pdbx_contact_author.name_last          Mao 
_pdbx_contact_author.name_mi            ? 
_pdbx_contact_author.role               'principal investigator/group leader' 
_pdbx_contact_author.identifier_ORCID   0000-0001-7516-8666 
# 
loop_
_audit_author.name 
_audit_author.pdbx_ordinal 
_audit_author.identifier_ORCID 
'Zhang, C.'    1 0000-0003-3342-7003 
'Zhao, J.'     2 ?                   
'Lu, B.'       3 ?                   
'Sha, R.'      4 0000-0002-0807-734X 
'Seeman, N.C.' 5 0000-0002-9680-4649 
'Noinaj, N.'   6 ?                   
'Mao, C.'      7 0000-0001-7516-8666 
# 
_citation.abstract                  ? 
_citation.abstract_id_CAS           ? 
_citation.book_id_ISBN              ? 
_citation.book_publisher            ? 
_citation.book_publisher_city       ? 
_citation.book_title                ? 
_citation.coordinate_linkage        ? 
_citation.country                   US 
_citation.database_id_Medline       ? 
_citation.details                   ? 
_citation.id                        primary 
_citation.journal_abbrev            J.Am.Chem.Soc. 
_citation.journal_id_ASTM           JACSAT 
_citation.journal_id_CSD            ? 
_citation.journal_id_ISSN           1520-5126 
_citation.journal_full              ? 
_citation.journal_issue             ? 
_citation.journal_volume            145 
_citation.language                  ? 
_citation.page_first                4853 
_citation.page_last                 4859 
_citation.title                     'Engineering DNA Crystals toward Studying DNA-Guest Molecule Interactions.' 
_citation.year                      2023 
_citation.database_id_CSD           ? 
_citation.pdbx_database_id_DOI      10.1021/jacs.3c00081 
_citation.pdbx_database_id_PubMed   36791277 
_citation.pdbx_database_id_patent   ? 
_citation.unpublished_flag          ? 
# 
loop_
_citation_author.citation_id 
_citation_author.name 
_citation_author.ordinal 
_citation_author.identifier_ORCID 
primary 'Zhang, C.'    1 ? 
primary 'Zhao, J.'     2 ? 
primary 'Lu, B.'       3 ? 
primary 'Seeman, N.C.' 4 ? 
primary 'Sha, R.'      5 ? 
primary 'Noinaj, N.'   6 ? 
primary 'Mao, C.'      7 ? 
# 
loop_
_entity.id 
_entity.type 
_entity.src_method 
_entity.pdbx_description 
_entity.formula_weight 
_entity.pdbx_number_of_molecules 
_entity.pdbx_ec 
_entity.pdbx_mutation 
_entity.pdbx_fragment 
_entity.details 
1 polymer syn 
;DNA (5'-D(P*CP*GP*TP*GP*GP*G)-3')
;
1865.240 1 ? ? ? ? 
2 polymer syn 
;DNA (5'-D(*CP*GP*AP*CP*G)-3')
;
1505.025 1 ? ? ? ? 
3 polymer syn 
;DNA (5'-D(P*CP*CP*CP*GP*C)-3')
;
1440.976 1 ? ? ? ? 
# 
loop_
_entity_poly.entity_id 
_entity_poly.type 
_entity_poly.nstd_linkage 
_entity_poly.nstd_monomer 
_entity_poly.pdbx_seq_one_letter_code 
_entity_poly.pdbx_seq_one_letter_code_can 
_entity_poly.pdbx_strand_id 
_entity_poly.pdbx_target_identifier 
1 polydeoxyribonucleotide no no '(DC)(DG)(DT)(DG)(DG)(DG)' CGTGGG C ? 
2 polydeoxyribonucleotide no no '(DC)(DG)(DA)(DC)(DG)'     CGACG  A ? 
3 polydeoxyribonucleotide no no '(DC)(DC)(DC)(DG)(DC)'     CCCGC  B ? 
# 
loop_
_entity_poly_seq.entity_id 
_entity_poly_seq.num 
_entity_poly_seq.mon_id 
_entity_poly_seq.hetero 
1 1 DC n 
1 2 DG n 
1 3 DT n 
1 4 DG n 
1 5 DG n 
1 6 DG n 
2 1 DC n 
2 2 DG n 
2 3 DA n 
2 4 DC n 
2 5 DG n 
3 1 DC n 
3 2 DC n 
3 3 DC n 
3 4 DG n 
3 5 DC n 
# 
loop_
_pdbx_entity_src_syn.entity_id 
_pdbx_entity_src_syn.pdbx_src_id 
_pdbx_entity_src_syn.pdbx_alt_source_flag 
_pdbx_entity_src_syn.pdbx_beg_seq_num 
_pdbx_entity_src_syn.pdbx_end_seq_num 
_pdbx_entity_src_syn.organism_scientific 
_pdbx_entity_src_syn.organism_common_name 
_pdbx_entity_src_syn.ncbi_taxonomy_id 
_pdbx_entity_src_syn.details 
1 1 sample 1 6 'synthetic construct' ? 32630 ? 
2 1 sample 1 5 'synthetic construct' ? 32630 ? 
3 1 sample 1 5 'synthetic construct' ? 32630 ? 
# 
loop_
_chem_comp.id 
_chem_comp.type 
_chem_comp.mon_nstd_flag 
_chem_comp.name 
_chem_comp.pdbx_synonyms 
_chem_comp.formula 
_chem_comp.formula_weight 
DA 'DNA linking' y "2'-DEOXYADENOSINE-5'-MONOPHOSPHATE" ? 'C10 H14 N5 O6 P' 331.222 
DC 'DNA linking' y "2'-DEOXYCYTIDINE-5'-MONOPHOSPHATE"  ? 'C9 H14 N3 O7 P'  307.197 
DG 'DNA linking' y "2'-DEOXYGUANOSINE-5'-MONOPHOSPHATE" ? 'C10 H14 N5 O7 P' 347.221 
DT 'DNA linking' y "THYMIDINE-5'-MONOPHOSPHATE"         ? 'C10 H15 N2 O8 P' 322.208 
# 
loop_
_pdbx_poly_seq_scheme.asym_id 
_pdbx_poly_seq_scheme.entity_id 
_pdbx_poly_seq_scheme.seq_id 
_pdbx_poly_seq_scheme.mon_id 
_pdbx_poly_seq_scheme.ndb_seq_num 
_pdbx_poly_seq_scheme.pdb_seq_num 
_pdbx_poly_seq_scheme.auth_seq_num 
_pdbx_poly_seq_scheme.pdb_mon_id 
_pdbx_poly_seq_scheme.auth_mon_id 
_pdbx_poly_seq_scheme.pdb_strand_id 
_pdbx_poly_seq_scheme.pdb_ins_code 
_pdbx_poly_seq_scheme.hetero 
A 1 1 DC 1 1 1 DC DC C . n 
A 1 2 DG 2 2 2 DG DG C . n 
A 1 3 DT 3 3 3 DT DT C . n 
A 1 4 DG 4 4 4 DG DG C . n 
A 1 5 DG 5 5 5 DG DG C . n 
A 1 6 DG 6 6 6 DG DG C . n 
B 2 1 DC 1 1 1 DC DC A . n 
B 2 2 DG 2 2 2 DG DG A . n 
B 2 3 DA 3 3 3 DA DA A . n 
B 2 4 DC 4 4 4 DC DC A . n 
B 2 5 DG 5 5 5 DG DG A . n 
C 3 1 DC 1 1 1 DC DC B . n 
C 3 2 DC 2 2 2 DC DC B . n 
C 3 3 DC 3 3 3 DC DC B . n 
C 3 4 DG 4 4 4 DG DG B . n 
C 3 5 DC 5 5 5 DC DC B . n 
# 
loop_
_software.citation_id 
_software.classification 
_software.compiler_name 
_software.compiler_version 
_software.contact_author 
_software.contact_author_email 
_software.date 
_software.description 
_software.dependencies 
_software.hardware 
_software.language 
_software.location 
_software.mods 
_software.name 
_software.os 
_software.os_version 
_software.type 
_software.version 
_software.pdbx_ordinal 
? refinement       ? ? ? ? ? ? ? ? ? ? ? PHENIX    ? ? ? 1.20.1_4487 1 
? 'data reduction' ? ? ? ? ? ? ? ? ? ? ? autoPROC  ? ? ? .           2 
? 'data scaling'   ? ? ? ? ? ? ? ? ? ? ? STARANISO ? ? ? .           3 
? phasing          ? ? ? ? ? ? ? ? ? ? ? PHASER    ? ? ? .           4 
# 
_cell.angle_alpha                  90.000 
_cell.angle_alpha_esd              ? 
_cell.angle_beta                   90.000 
_cell.angle_beta_esd               ? 
_cell.angle_gamma                  90.000 
_cell.angle_gamma_esd              ? 
_cell.entry_id                     8EPE 
_cell.details                      ? 
_cell.formula_units_Z              ? 
_cell.length_a                     34.915 
_cell.length_a_esd                 ? 
_cell.length_b                     34.915 
_cell.length_b_esd                 ? 
_cell.length_c                     104.976 
_cell.length_c_esd                 ? 
_cell.volume                       127971.751 
_cell.volume_esd                   ? 
_cell.Z_PDB                        8 
_cell.reciprocal_angle_alpha       ? 
_cell.reciprocal_angle_beta        ? 
_cell.reciprocal_angle_gamma       ? 
_cell.reciprocal_angle_alpha_esd   ? 
_cell.reciprocal_angle_beta_esd    ? 
_cell.reciprocal_angle_gamma_esd   ? 
_cell.reciprocal_length_a          ? 
_cell.reciprocal_length_b          ? 
_cell.reciprocal_length_c          ? 
_cell.reciprocal_length_a_esd      ? 
_cell.reciprocal_length_b_esd      ? 
_cell.reciprocal_length_c_esd      ? 
_cell.pdbx_unique_axis             ? 
_cell.pdbx_esd_method              ? 
# 
_symmetry.entry_id                         8EPE 
_symmetry.cell_setting                     ? 
_symmetry.Int_Tables_number                95 
_symmetry.space_group_name_Hall            'P 4cw 2c' 
_symmetry.space_group_name_H-M             'P 43 2 2' 
_symmetry.pdbx_full_space_group_name_H-M   ? 
# 
_exptl.absorpt_coefficient_mu     ? 
_exptl.absorpt_correction_T_max   ? 
_exptl.absorpt_correction_T_min   ? 
_exptl.absorpt_correction_type    ? 
_exptl.absorpt_process_details    ? 
_exptl.entry_id                   8EPE 
_exptl.crystals_number            1 
_exptl.details                    ? 
_exptl.method                     'X-RAY DIFFRACTION' 
_exptl.method_details             ? 
# 
_exptl_crystal.colour                       ? 
_exptl_crystal.density_diffrn               ? 
_exptl_crystal.density_Matthews             3.32 
_exptl_crystal.density_method               ? 
_exptl_crystal.density_percent_sol          63.01 
_exptl_crystal.description                  ? 
_exptl_crystal.F_000                        ? 
_exptl_crystal.id                           1 
_exptl_crystal.preparation                  ? 
_exptl_crystal.size_max                     ? 
_exptl_crystal.size_mid                     ? 
_exptl_crystal.size_min                     ? 
_exptl_crystal.size_rad                     ? 
_exptl_crystal.colour_lustre                ? 
_exptl_crystal.colour_modifier              ? 
_exptl_crystal.colour_primary               ? 
_exptl_crystal.density_meas                 ? 
_exptl_crystal.density_meas_esd             ? 
_exptl_crystal.density_meas_gt              ? 
_exptl_crystal.density_meas_lt              ? 
_exptl_crystal.density_meas_temp            ? 
_exptl_crystal.density_meas_temp_esd        ? 
_exptl_crystal.density_meas_temp_gt         ? 
_exptl_crystal.density_meas_temp_lt         ? 
_exptl_crystal.pdbx_crystal_image_url       ? 
_exptl_crystal.pdbx_crystal_image_format    ? 
_exptl_crystal.pdbx_mosaicity               ? 
_exptl_crystal.pdbx_mosaicity_esd           ? 
_exptl_crystal.pdbx_mosaic_method           ? 
_exptl_crystal.pdbx_mosaic_block_size       ? 
_exptl_crystal.pdbx_mosaic_block_size_esd   ? 
# 
_exptl_crystal_grow.apparatus       ? 
_exptl_crystal_grow.atmosphere      ? 
_exptl_crystal_grow.crystal_id      1 
_exptl_crystal_grow.details         ? 
_exptl_crystal_grow.method          'VAPOR DIFFUSION, HANGING DROP' 
_exptl_crystal_grow.method_ref      ? 
_exptl_crystal_grow.pH              ? 
_exptl_crystal_grow.pressure        ? 
_exptl_crystal_grow.pressure_esd    ? 
_exptl_crystal_grow.seeding         ? 
_exptl_crystal_grow.seeding_ref     ? 
_exptl_crystal_grow.temp            295 
_exptl_crystal_grow.temp_details    ? 
_exptl_crystal_grow.temp_esd        ? 
_exptl_crystal_grow.time            ? 
_exptl_crystal_grow.pdbx_details    
;0.5 ug/uL motif
0.005 M magnesium sulfate hydrate, 0.005 M HEPES sodium pH 7.0, 0.16 M lithium sulfate monohydrate, 4 % MPD at pH 7.0
;
_exptl_crystal_grow.pdbx_pH_range   ? 
# 
_diffrn.ambient_environment              ? 
_diffrn.ambient_temp                     100 
_diffrn.ambient_temp_details             ? 
_diffrn.ambient_temp_esd                 ? 
_diffrn.crystal_id                       1 
_diffrn.crystal_support                  ? 
_diffrn.crystal_treatment                ? 
_diffrn.details                          ? 
_diffrn.id                               1 
_diffrn.ambient_pressure                 ? 
_diffrn.ambient_pressure_esd             ? 
_diffrn.ambient_pressure_gt              ? 
_diffrn.ambient_pressure_lt              ? 
_diffrn.ambient_temp_gt                  ? 
_diffrn.ambient_temp_lt                  ? 
_diffrn.pdbx_serial_crystal_experiment   N 
# 
_diffrn_detector.details                      ? 
_diffrn_detector.detector                     PIXEL 
_diffrn_detector.diffrn_id                    1 
_diffrn_detector.type                         'DECTRIS EIGER X 16M' 
_diffrn_detector.area_resol_mean              ? 
_diffrn_detector.dtime                        ? 
_diffrn_detector.pdbx_frames_total            ? 
_diffrn_detector.pdbx_collection_time_total   ? 
_diffrn_detector.pdbx_collection_date         2022-06-11 
_diffrn_detector.pdbx_frequency               ? 
# 
_diffrn_radiation.collimation                      ? 
_diffrn_radiation.diffrn_id                        1 
_diffrn_radiation.filter_edge                      ? 
_diffrn_radiation.inhomogeneity                    ? 
_diffrn_radiation.monochromator                    ? 
_diffrn_radiation.polarisn_norm                    ? 
_diffrn_radiation.polarisn_ratio                   ? 
_diffrn_radiation.probe                            ? 
_diffrn_radiation.type                             ? 
_diffrn_radiation.xray_symbol                      ? 
_diffrn_radiation.wavelength_id                    1 
_diffrn_radiation.pdbx_monochromatic_or_laue_m_l   M 
_diffrn_radiation.pdbx_wavelength_list             ? 
_diffrn_radiation.pdbx_wavelength                  ? 
_diffrn_radiation.pdbx_diffrn_protocol             'SINGLE WAVELENGTH' 
_diffrn_radiation.pdbx_analyzer                    ? 
_diffrn_radiation.pdbx_scattering_type             x-ray 
# 
_diffrn_radiation_wavelength.id           1 
_diffrn_radiation_wavelength.wavelength   1.03 
_diffrn_radiation_wavelength.wt           1.0 
# 
_diffrn_source.current                     ? 
_diffrn_source.details                     ? 
_diffrn_source.diffrn_id                   1 
_diffrn_source.power                       ? 
_diffrn_source.size                        ? 
_diffrn_source.source                      SYNCHROTRON 
_diffrn_source.target                      ? 
_diffrn_source.type                        'APS BEAMLINE 23-ID-B' 
_diffrn_source.voltage                     ? 
_diffrn_source.take-off_angle              ? 
_diffrn_source.pdbx_wavelength_list        1.03 
_diffrn_source.pdbx_wavelength             ? 
_diffrn_source.pdbx_synchrotron_beamline   23-ID-B 
_diffrn_source.pdbx_synchrotron_site       APS 
# 
_reflns.B_iso_Wilson_estimate                          ? 
_reflns.entry_id                                       8EPE 
_reflns.data_reduction_details                         ? 
_reflns.data_reduction_method                          ? 
_reflns.d_resolution_high                              2.450 
_reflns.d_resolution_low                               34.92 
_reflns.details                                        ? 
_reflns.limit_h_max                                    ? 
_reflns.limit_h_min                                    ? 
_reflns.limit_k_max                                    ? 
_reflns.limit_k_min                                    ? 
_reflns.limit_l_max                                    ? 
_reflns.limit_l_min                                    ? 
_reflns.number_all                                     ? 
_reflns.number_obs                                     1381 
_reflns.observed_criterion                             ? 
_reflns.observed_criterion_F_max                       ? 
_reflns.observed_criterion_F_min                       ? 
_reflns.observed_criterion_I_max                       ? 
_reflns.observed_criterion_I_min                       ? 
_reflns.observed_criterion_sigma_F                     ? 
_reflns.observed_criterion_sigma_I                     ? 
_reflns.percent_possible_obs                           85.0 
_reflns.R_free_details                                 ? 
_reflns.Rmerge_F_all                                   ? 
_reflns.Rmerge_F_obs                                   ? 
_reflns.Friedel_coverage                               ? 
_reflns.number_gt                                      ? 
_reflns.threshold_expression                           ? 
_reflns.pdbx_redundancy                                10.7 
_reflns.pdbx_Rmerge_I_obs                              ? 
_reflns.pdbx_Rmerge_I_all                              ? 
_reflns.pdbx_Rsym_value                                ? 
_reflns.pdbx_netI_over_av_sigmaI                       ? 
_reflns.pdbx_netI_over_sigmaI                          12.2 
_reflns.pdbx_res_netI_over_av_sigmaI_2                 ? 
_reflns.pdbx_res_netI_over_sigmaI_2                    ? 
_reflns.pdbx_chi_squared                               ? 
_reflns.pdbx_scaling_rejects                           ? 
_reflns.pdbx_d_res_high_opt                            ? 
_reflns.pdbx_d_res_low_opt                             ? 
_reflns.pdbx_d_res_opt_method                          ? 
_reflns.phase_calculation_details                      ? 
_reflns.pdbx_Rrim_I_all                                ? 
_reflns.pdbx_Rpim_I_all                                ? 
_reflns.pdbx_d_opt                                     ? 
_reflns.pdbx_number_measured_all                       ? 
_reflns.pdbx_diffrn_id                                 1 
_reflns.pdbx_ordinal                                   1 
_reflns.pdbx_CC_half                                   1.00 
_reflns.pdbx_CC_star                                   ? 
_reflns.pdbx_R_split                                   ? 
_reflns.pdbx_aniso_diffraction_limit_axis_1_ortho[1]   ? 
_reflns.pdbx_aniso_diffraction_limit_axis_1_ortho[2]   ? 
_reflns.pdbx_aniso_diffraction_limit_axis_1_ortho[3]   ? 
_reflns.pdbx_aniso_diffraction_limit_axis_2_ortho[1]   ? 
_reflns.pdbx_aniso_diffraction_limit_axis_2_ortho[2]   ? 
_reflns.pdbx_aniso_diffraction_limit_axis_2_ortho[3]   ? 
_reflns.pdbx_aniso_diffraction_limit_axis_3_ortho[1]   ? 
_reflns.pdbx_aniso_diffraction_limit_axis_3_ortho[2]   ? 
_reflns.pdbx_aniso_diffraction_limit_axis_3_ortho[3]   ? 
_reflns.pdbx_aniso_diffraction_limit_1                 ? 
_reflns.pdbx_aniso_diffraction_limit_2                 ? 
_reflns.pdbx_aniso_diffraction_limit_3                 ? 
_reflns.pdbx_aniso_B_tensor_eigenvector_1_ortho[1]     ? 
_reflns.pdbx_aniso_B_tensor_eigenvector_1_ortho[2]     ? 
_reflns.pdbx_aniso_B_tensor_eigenvector_1_ortho[3]     ? 
_reflns.pdbx_aniso_B_tensor_eigenvector_2_ortho[1]     ? 
_reflns.pdbx_aniso_B_tensor_eigenvector_2_ortho[2]     ? 
_reflns.pdbx_aniso_B_tensor_eigenvector_2_ortho[3]     ? 
_reflns.pdbx_aniso_B_tensor_eigenvector_3_ortho[1]     ? 
_reflns.pdbx_aniso_B_tensor_eigenvector_3_ortho[2]     ? 
_reflns.pdbx_aniso_B_tensor_eigenvector_3_ortho[3]     ? 
_reflns.pdbx_aniso_B_tensor_eigenvalue_1               ? 
_reflns.pdbx_aniso_B_tensor_eigenvalue_2               ? 
_reflns.pdbx_aniso_B_tensor_eigenvalue_3               ? 
_reflns.pdbx_orthogonalization_convention              ? 
_reflns.pdbx_percent_possible_ellipsoidal              ? 
_reflns.pdbx_percent_possible_spherical                ? 
_reflns.pdbx_percent_possible_ellipsoidal_anomalous    ? 
_reflns.pdbx_percent_possible_spherical_anomalous      ? 
_reflns.pdbx_redundancy_anomalous                      ? 
_reflns.pdbx_CC_half_anomalous                         ? 
_reflns.pdbx_absDiff_over_sigma_anomalous              ? 
_reflns.pdbx_percent_possible_anomalous                ? 
_reflns.pdbx_observed_signal_threshold                 ? 
_reflns.pdbx_signal_type                               ? 
_reflns.pdbx_signal_details                            ? 
_reflns.pdbx_signal_software_id                        ? 
_reflns.pdbx_CC_split_method                           ? 
# 
_reflns_shell.d_res_high                                    2.450 
_reflns_shell.d_res_low                                     2.995 
_reflns_shell.meanI_over_sigI_all                           ? 
_reflns_shell.meanI_over_sigI_obs                           ? 
_reflns_shell.number_measured_all                           ? 
_reflns_shell.number_measured_obs                           ? 
_reflns_shell.number_possible                               ? 
_reflns_shell.number_unique_all                             ? 
_reflns_shell.number_unique_obs                             197 
_reflns_shell.percent_possible_all                          ? 
_reflns_shell.percent_possible_obs                          ? 
_reflns_shell.Rmerge_F_all                                  ? 
_reflns_shell.Rmerge_F_obs                                  ? 
_reflns_shell.Rmerge_I_all                                  ? 
_reflns_shell.Rmerge_I_obs                                  ? 
_reflns_shell.meanI_over_sigI_gt                            ? 
_reflns_shell.meanI_over_uI_all                             ? 
_reflns_shell.meanI_over_uI_gt                              ? 
_reflns_shell.number_measured_gt                            ? 
_reflns_shell.number_unique_gt                              ? 
_reflns_shell.percent_possible_gt                           ? 
_reflns_shell.Rmerge_F_gt                                   ? 
_reflns_shell.Rmerge_I_gt                                   ? 
_reflns_shell.pdbx_redundancy                               9.6 
_reflns_shell.pdbx_Rsym_value                               ? 
_reflns_shell.pdbx_chi_squared                              ? 
_reflns_shell.pdbx_netI_over_sigmaI_all                     ? 
_reflns_shell.pdbx_netI_over_sigmaI_obs                     ? 
_reflns_shell.pdbx_Rrim_I_all                               ? 
_reflns_shell.pdbx_Rpim_I_all                               ? 
_reflns_shell.pdbx_rejects                                  ? 
_reflns_shell.pdbx_ordinal                                  1 
_reflns_shell.pdbx_diffrn_id                                1 
_reflns_shell.pdbx_CC_half                                  0.93 
_reflns_shell.pdbx_CC_star                                  ? 
_reflns_shell.pdbx_R_split                                  ? 
_reflns_shell.pdbx_percent_possible_ellipsoidal             ? 
_reflns_shell.pdbx_percent_possible_spherical               ? 
_reflns_shell.pdbx_percent_possible_ellipsoidal_anomalous   ? 
_reflns_shell.pdbx_percent_possible_spherical_anomalous     ? 
_reflns_shell.pdbx_redundancy_anomalous                     ? 
_reflns_shell.pdbx_CC_half_anomalous                        ? 
_reflns_shell.pdbx_absDiff_over_sigma_anomalous             ? 
_reflns_shell.pdbx_percent_possible_anomalous               ? 
# 
_refine.aniso_B[1][1]                            ? 
_refine.aniso_B[1][2]                            ? 
_refine.aniso_B[1][3]                            ? 
_refine.aniso_B[2][2]                            ? 
_refine.aniso_B[2][3]                            ? 
_refine.aniso_B[3][3]                            ? 
_refine.B_iso_max                                ? 
_refine.B_iso_mean                               60.32 
_refine.B_iso_min                                ? 
_refine.correlation_coeff_Fo_to_Fc               ? 
_refine.correlation_coeff_Fo_to_Fc_free          ? 
_refine.details                                  ? 
_refine.diff_density_max                         ? 
_refine.diff_density_max_esd                     ? 
_refine.diff_density_min                         ? 
_refine.diff_density_min_esd                     ? 
_refine.diff_density_rms                         ? 
_refine.diff_density_rms_esd                     ? 
_refine.entry_id                                 8EPE 
_refine.pdbx_refine_id                           'X-RAY DIFFRACTION' 
_refine.ls_abs_structure_details                 ? 
_refine.ls_abs_structure_Flack                   ? 
_refine.ls_abs_structure_Flack_esd               ? 
_refine.ls_abs_structure_Rogers                  ? 
_refine.ls_abs_structure_Rogers_esd              ? 
_refine.ls_d_res_high                            2.45 
_refine.ls_d_res_low                             34.92 
_refine.ls_extinction_coef                       ? 
_refine.ls_extinction_coef_esd                   ? 
_refine.ls_extinction_expression                 ? 
_refine.ls_extinction_method                     ? 
_refine.ls_goodness_of_fit_all                   ? 
_refine.ls_goodness_of_fit_all_esd               ? 
_refine.ls_goodness_of_fit_obs                   ? 
_refine.ls_goodness_of_fit_obs_esd               ? 
_refine.ls_hydrogen_treatment                    ? 
_refine.ls_matrix_type                           ? 
_refine.ls_number_constraints                    ? 
_refine.ls_number_parameters                     ? 
_refine.ls_number_reflns_all                     ? 
_refine.ls_number_reflns_obs                     1278 
_refine.ls_number_reflns_R_free                  56 
_refine.ls_number_reflns_R_work                  1222 
_refine.ls_number_restraints                     ? 
_refine.ls_percent_reflns_obs                    46.97 
_refine.ls_percent_reflns_R_free                 4.38 
_refine.ls_R_factor_all                          ? 
_refine.ls_R_factor_obs                          0.2405 
_refine.ls_R_factor_R_free                       0.2621 
_refine.ls_R_factor_R_free_error                 ? 
_refine.ls_R_factor_R_free_error_details         ? 
_refine.ls_R_factor_R_work                       0.2383 
_refine.ls_R_Fsqd_factor_obs                     ? 
_refine.ls_R_I_factor_obs                        ? 
_refine.ls_redundancy_reflns_all                 ? 
_refine.ls_redundancy_reflns_obs                 ? 
_refine.ls_restrained_S_all                      ? 
_refine.ls_restrained_S_obs                      ? 
_refine.ls_shift_over_esd_max                    ? 
_refine.ls_shift_over_esd_mean                   ? 
_refine.ls_structure_factor_coef                 ? 
_refine.ls_weighting_details                     ? 
_refine.ls_weighting_scheme                      ? 
_refine.ls_wR_factor_all                         ? 
_refine.ls_wR_factor_obs                         ? 
_refine.ls_wR_factor_R_free                      ? 
_refine.ls_wR_factor_R_work                      ? 
_refine.occupancy_max                            ? 
_refine.occupancy_min                            ? 
_refine.solvent_model_details                    'FLAT BULK SOLVENT MODEL' 
_refine.solvent_model_param_bsol                 ? 
_refine.solvent_model_param_ksol                 ? 
_refine.pdbx_R_complete                          ? 
_refine.ls_R_factor_gt                           ? 
_refine.ls_goodness_of_fit_gt                    ? 
_refine.ls_goodness_of_fit_ref                   ? 
_refine.ls_shift_over_su_max                     ? 
_refine.ls_shift_over_su_max_lt                  ? 
_refine.ls_shift_over_su_mean                    ? 
_refine.ls_shift_over_su_mean_lt                 ? 
_refine.pdbx_ls_sigma_I                          ? 
_refine.pdbx_ls_sigma_F                          1.33 
_refine.pdbx_ls_sigma_Fsqd                       ? 
_refine.pdbx_data_cutoff_high_absF               ? 
_refine.pdbx_data_cutoff_high_rms_absF           ? 
_refine.pdbx_data_cutoff_low_absF                ? 
_refine.pdbx_isotropic_thermal_model             ? 
_refine.pdbx_ls_cross_valid_method               'FREE R-VALUE' 
_refine.pdbx_method_to_determine_struct          'MOLECULAR REPLACEMENT' 
_refine.pdbx_starting_model                      'ideal B type DNA duplexes generated in Cadnano' 
_refine.pdbx_stereochemistry_target_values       'GeoStd + Monomer Library + CDL v1.2' 
_refine.pdbx_R_Free_selection_details            ? 
_refine.pdbx_stereochem_target_val_spec_case     ? 
_refine.pdbx_overall_ESU_R                       ? 
_refine.pdbx_overall_ESU_R_Free                  ? 
_refine.pdbx_solvent_vdw_probe_radii             1.1000 
_refine.pdbx_solvent_ion_probe_radii             ? 
_refine.pdbx_solvent_shrinkage_radii             0.9000 
_refine.pdbx_real_space_R                        ? 
_refine.pdbx_density_correlation                 ? 
_refine.pdbx_pd_number_of_powder_patterns        ? 
_refine.pdbx_pd_number_of_points                 ? 
_refine.pdbx_pd_meas_number_of_points            ? 
_refine.pdbx_pd_proc_ls_prof_R_factor            ? 
_refine.pdbx_pd_proc_ls_prof_wR_factor           ? 
_refine.pdbx_pd_Marquardt_correlation_coeff      ? 
_refine.pdbx_pd_Fsqrd_R_factor                   ? 
_refine.pdbx_pd_ls_matrix_band_width             ? 
_refine.pdbx_overall_phase_error                 23.8862 
_refine.pdbx_overall_SU_R_free_Cruickshank_DPI   ? 
_refine.pdbx_overall_SU_R_free_Blow_DPI          ? 
_refine.pdbx_overall_SU_R_Blow_DPI               ? 
_refine.pdbx_TLS_residual_ADP_flag               ? 
_refine.pdbx_diffrn_id                           1 
_refine.overall_SU_B                             ? 
_refine.overall_SU_ML                            0.5195 
_refine.overall_SU_R_Cruickshank_DPI             ? 
_refine.overall_SU_R_free                        ? 
_refine.overall_FOM_free_R_set                   ? 
_refine.overall_FOM_work_R_set                   ? 
_refine.pdbx_average_fsc_overall                 ? 
_refine.pdbx_average_fsc_work                    ? 
_refine.pdbx_average_fsc_free                    ? 
# 
_refine_hist.pdbx_refine_id                   'X-RAY DIFFRACTION' 
_refine_hist.cycle_id                         LAST 
_refine_hist.details                          ? 
_refine_hist.d_res_high                       2.45 
_refine_hist.d_res_low                        34.92 
_refine_hist.number_atoms_solvent             0 
_refine_hist.number_atoms_total               325 
_refine_hist.number_reflns_all                ? 
_refine_hist.number_reflns_obs                ? 
_refine_hist.number_reflns_R_free             ? 
_refine_hist.number_reflns_R_work             ? 
_refine_hist.R_factor_all                     ? 
_refine_hist.R_factor_obs                     ? 
_refine_hist.R_factor_R_free                  ? 
_refine_hist.R_factor_R_work                  ? 
_refine_hist.pdbx_number_residues_total       ? 
_refine_hist.pdbx_B_iso_mean_ligand           ? 
_refine_hist.pdbx_B_iso_mean_solvent          ? 
_refine_hist.pdbx_number_atoms_protein        0 
_refine_hist.pdbx_number_atoms_nucleic_acid   325 
_refine_hist.pdbx_number_atoms_ligand         0 
_refine_hist.pdbx_number_atoms_lipid          ? 
_refine_hist.pdbx_number_atoms_carb           ? 
_refine_hist.pdbx_pseudo_atom_details         ? 
# 
loop_
_refine_ls_restr.pdbx_refine_id 
_refine_ls_restr.criterion 
_refine_ls_restr.dev_ideal 
_refine_ls_restr.dev_ideal_target 
_refine_ls_restr.number 
_refine_ls_restr.rejects 
_refine_ls_restr.type 
_refine_ls_restr.weight 
_refine_ls_restr.pdbx_restraint_function 
'X-RAY DIFFRACTION' ? 0.0112  ? 362 ? f_bond_d           ? ? 
'X-RAY DIFFRACTION' ? 1.4664  ? 552 ? f_angle_d          ? ? 
'X-RAY DIFFRACTION' ? 0.0788  ? 63  ? f_chiral_restr     ? ? 
'X-RAY DIFFRACTION' ? 0.0070  ? 16  ? f_plane_restr      ? ? 
'X-RAY DIFFRACTION' ? 40.5431 ? 150 ? f_dihedral_angle_d ? ? 
# 
_refine_ls_shell.pdbx_refine_id                   'X-RAY DIFFRACTION' 
_refine_ls_shell.d_res_high                       2.45 
_refine_ls_shell.d_res_low                        34.92 
_refine_ls_shell.number_reflns_all                ? 
_refine_ls_shell.number_reflns_obs                ? 
_refine_ls_shell.number_reflns_R_free             56 
_refine_ls_shell.number_reflns_R_work             1222 
_refine_ls_shell.percent_reflns_obs               46.97 
_refine_ls_shell.percent_reflns_R_free            ? 
_refine_ls_shell.R_factor_all                     ? 
_refine_ls_shell.R_factor_obs                     ? 
_refine_ls_shell.R_factor_R_free                  0.2621 
_refine_ls_shell.R_factor_R_free_error            ? 
_refine_ls_shell.R_factor_R_work                  0.2383 
_refine_ls_shell.redundancy_reflns_all            ? 
_refine_ls_shell.redundancy_reflns_obs            ? 
_refine_ls_shell.wR_factor_all                    ? 
_refine_ls_shell.wR_factor_obs                    ? 
_refine_ls_shell.wR_factor_R_free                 ? 
_refine_ls_shell.wR_factor_R_work                 ? 
_refine_ls_shell.pdbx_R_complete                  ? 
_refine_ls_shell.pdbx_total_number_of_bins_used   ? 
_refine_ls_shell.pdbx_phase_error                 ? 
_refine_ls_shell.pdbx_fsc_work                    ? 
_refine_ls_shell.pdbx_fsc_free                    ? 
# 
_struct.entry_id                     8EPE 
_struct.title                        'Engineering Crystals with Tunable Symmetries from 14- or 16-Base-Long DNA Strands' 
_struct.pdbx_model_details           ? 
_struct.pdbx_formula_weight          ? 
_struct.pdbx_formula_weight_method   ? 
_struct.pdbx_model_type_details      ? 
_struct.pdbx_CASP_flag               N 
# 
_struct_keywords.entry_id        8EPE 
_struct_keywords.text            'DNA, Four-Fold Rotational Axis, Left-Handed, Parallel' 
_struct_keywords.pdbx_keywords   DNA 
# 
loop_
_struct_asym.id 
_struct_asym.pdbx_blank_PDB_chainid_flag 
_struct_asym.pdbx_modified 
_struct_asym.entity_id 
_struct_asym.details 
A N N 1 ? 
B N N 2 ? 
C N N 3 ? 
# 
loop_
_struct_ref.id 
_struct_ref.db_name 
_struct_ref.db_code 
_struct_ref.pdbx_db_accession 
_struct_ref.pdbx_db_isoform 
_struct_ref.entity_id 
_struct_ref.pdbx_seq_one_letter_code 
_struct_ref.pdbx_align_begin 
1 PDB 8EPE 8EPE ? 1 ? 1 
2 PDB 8EPE 8EPE ? 2 ? 1 
3 PDB 8EPE 8EPE ? 3 ? 1 
# 
loop_
_struct_ref_seq.align_id 
_struct_ref_seq.ref_id 
_struct_ref_seq.pdbx_PDB_id_code 
_struct_ref_seq.pdbx_strand_id 
_struct_ref_seq.seq_align_beg 
_struct_ref_seq.pdbx_seq_align_beg_ins_code 
_struct_ref_seq.seq_align_end 
_struct_ref_seq.pdbx_seq_align_end_ins_code 
_struct_ref_seq.pdbx_db_accession 
_struct_ref_seq.db_align_beg 
_struct_ref_seq.pdbx_db_align_beg_ins_code 
_struct_ref_seq.db_align_end 
_struct_ref_seq.pdbx_db_align_end_ins_code 
_struct_ref_seq.pdbx_auth_seq_align_beg 
_struct_ref_seq.pdbx_auth_seq_align_end 
1 1 8EPE C 1 ? 6 ? 8EPE 1 ? 6 ? 1 6 
2 2 8EPE A 1 ? 5 ? 8EPE 1 ? 5 ? 1 5 
3 3 8EPE B 1 ? 5 ? 8EPE 1 ? 5 ? 1 5 
# 
_pdbx_struct_assembly.id                   1 
_pdbx_struct_assembly.details              author_and_software_defined_assembly 
_pdbx_struct_assembly.method_details       PISA 
_pdbx_struct_assembly.oligomeric_details   trimeric 
_pdbx_struct_assembly.oligomeric_count     3 
# 
loop_
_pdbx_struct_assembly_prop.biol_id 
_pdbx_struct_assembly_prop.type 
_pdbx_struct_assembly_prop.value 
_pdbx_struct_assembly_prop.details 
1 'ABSA (A^2)' 630  ? 
1 MORE         -3   ? 
1 'SSA (A^2)'  3540 ? 
# 
_pdbx_struct_assembly_gen.assembly_id       1 
_pdbx_struct_assembly_gen.oper_expression   1 
_pdbx_struct_assembly_gen.asym_id_list      A,B,C 
# 
_pdbx_struct_oper_list.id                   1 
_pdbx_struct_oper_list.type                 'identity operation' 
_pdbx_struct_oper_list.name                 1_555 
_pdbx_struct_oper_list.symmetry_operation   x,y,z 
_pdbx_struct_oper_list.matrix[1][1]         1.0000000000 
_pdbx_struct_oper_list.matrix[1][2]         0.0000000000 
_pdbx_struct_oper_list.matrix[1][3]         0.0000000000 
_pdbx_struct_oper_list.vector[1]            0.0000000000 
_pdbx_struct_oper_list.matrix[2][1]         0.0000000000 
_pdbx_struct_oper_list.matrix[2][2]         1.0000000000 
_pdbx_struct_oper_list.matrix[2][3]         0.0000000000 
_pdbx_struct_oper_list.vector[2]            0.0000000000 
_pdbx_struct_oper_list.matrix[3][1]         0.0000000000 
_pdbx_struct_oper_list.matrix[3][2]         0.0000000000 
_pdbx_struct_oper_list.matrix[3][3]         1.0000000000 
_pdbx_struct_oper_list.vector[3]            0.0000000000 
# 
loop_
_struct_conn.id 
_struct_conn.conn_type_id 
_struct_conn.pdbx_leaving_atom_flag 
_struct_conn.pdbx_PDB_id 
_struct_conn.ptnr1_label_asym_id 
_struct_conn.ptnr1_label_comp_id 
_struct_conn.ptnr1_label_seq_id 
_struct_conn.ptnr1_label_atom_id 
_struct_conn.pdbx_ptnr1_label_alt_id 
_struct_conn.pdbx_ptnr1_PDB_ins_code 
_struct_conn.pdbx_ptnr1_standard_comp_id 
_struct_conn.ptnr1_symmetry 
_struct_conn.ptnr2_label_asym_id 
_struct_conn.ptnr2_label_comp_id 
_struct_conn.ptnr2_label_seq_id 
_struct_conn.ptnr2_label_atom_id 
_struct_conn.pdbx_ptnr2_label_alt_id 
_struct_conn.pdbx_ptnr2_PDB_ins_code 
_struct_conn.ptnr1_auth_asym_id 
_struct_conn.ptnr1_auth_comp_id 
_struct_conn.ptnr1_auth_seq_id 
_struct_conn.ptnr2_auth_asym_id 
_struct_conn.ptnr2_auth_comp_id 
_struct_conn.ptnr2_auth_seq_id 
_struct_conn.ptnr2_symmetry 
_struct_conn.pdbx_ptnr3_label_atom_id 
_struct_conn.pdbx_ptnr3_label_seq_id 
_struct_conn.pdbx_ptnr3_label_comp_id 
_struct_conn.pdbx_ptnr3_label_asym_id 
_struct_conn.pdbx_ptnr3_label_alt_id 
_struct_conn.pdbx_ptnr3_PDB_ins_code 
_struct_conn.details 
_struct_conn.pdbx_dist_value 
_struct_conn.pdbx_value_order 
_struct_conn.pdbx_role 
hydrog1  hydrog ? ? A DC 1 N3 ? ? ? 1_555 B DG 5 N1 ? ? C DC 1 A DG 5 1_555 ? ? ? ? ? ? WATSON-CRICK ? ? ? 
hydrog2  hydrog ? ? A DC 1 N4 ? ? ? 1_555 B DG 5 O6 ? ? C DC 1 A DG 5 1_555 ? ? ? ? ? ? WATSON-CRICK ? ? ? 
hydrog3  hydrog ? ? A DC 1 O2 ? ? ? 1_555 B DG 5 N2 ? ? C DC 1 A DG 5 1_555 ? ? ? ? ? ? WATSON-CRICK ? ? ? 
hydrog4  hydrog ? ? A DG 2 N1 ? ? ? 1_555 B DC 4 N3 ? ? C DG 2 A DC 4 1_555 ? ? ? ? ? ? WATSON-CRICK ? ? ? 
hydrog5  hydrog ? ? A DG 2 N2 ? ? ? 1_555 B DC 4 O2 ? ? C DG 2 A DC 4 1_555 ? ? ? ? ? ? WATSON-CRICK ? ? ? 
hydrog6  hydrog ? ? A DG 2 O6 ? ? ? 1_555 B DC 4 N4 ? ? C DG 2 A DC 4 1_555 ? ? ? ? ? ? WATSON-CRICK ? ? ? 
hydrog7  hydrog ? ? A DT 3 N3 ? ? ? 1_555 B DA 3 N1 ? ? C DT 3 A DA 3 1_555 ? ? ? ? ? ? WATSON-CRICK ? ? ? 
hydrog8  hydrog ? ? A DT 3 O4 ? ? ? 1_555 B DA 3 N6 ? ? C DT 3 A DA 3 1_555 ? ? ? ? ? ? WATSON-CRICK ? ? ? 
hydrog9  hydrog ? ? A DG 4 N1 ? ? ? 1_555 C DC 3 N3 ? ? C DG 4 B DC 3 1_555 ? ? ? ? ? ? WATSON-CRICK ? ? ? 
hydrog10 hydrog ? ? A DG 4 N2 ? ? ? 1_555 C DC 3 O2 ? ? C DG 4 B DC 3 1_555 ? ? ? ? ? ? WATSON-CRICK ? ? ? 
hydrog11 hydrog ? ? A DG 4 O6 ? ? ? 1_555 C DC 3 N4 ? ? C DG 4 B DC 3 1_555 ? ? ? ? ? ? WATSON-CRICK ? ? ? 
hydrog12 hydrog ? ? A DG 5 N1 ? ? ? 1_555 C DC 2 N3 ? ? C DG 5 B DC 2 1_555 ? ? ? ? ? ? WATSON-CRICK ? ? ? 
hydrog13 hydrog ? ? A DG 5 N2 ? ? ? 1_555 C DC 2 O2 ? ? C DG 5 B DC 2 1_555 ? ? ? ? ? ? WATSON-CRICK ? ? ? 
hydrog14 hydrog ? ? A DG 5 O6 ? ? ? 1_555 C DC 2 N4 ? ? C DG 5 B DC 2 1_555 ? ? ? ? ? ? WATSON-CRICK ? ? ? 
hydrog15 hydrog ? ? A DG 6 N1 ? ? ? 1_555 C DC 1 N3 ? ? C DG 6 B DC 1 1_555 ? ? ? ? ? ? WATSON-CRICK ? ? ? 
hydrog16 hydrog ? ? A DG 6 N2 ? ? ? 1_555 C DC 1 O2 ? ? C DG 6 B DC 1 1_555 ? ? ? ? ? ? WATSON-CRICK ? ? ? 
hydrog17 hydrog ? ? A DG 6 O6 ? ? ? 1_555 C DC 1 N4 ? ? C DG 6 B DC 1 1_555 ? ? ? ? ? ? WATSON-CRICK ? ? ? 
# 
_struct_conn_type.id          hydrog 
_struct_conn_type.criteria    ? 
_struct_conn_type.reference   ? 
# 
loop_
_pdbx_validate_symm_contact.id 
_pdbx_validate_symm_contact.PDB_model_num 
_pdbx_validate_symm_contact.auth_atom_id_1 
_pdbx_validate_symm_contact.auth_asym_id_1 
_pdbx_validate_symm_contact.auth_comp_id_1 
_pdbx_validate_symm_contact.auth_seq_id_1 
_pdbx_validate_symm_contact.PDB_ins_code_1 
_pdbx_validate_symm_contact.label_alt_id_1 
_pdbx_validate_symm_contact.site_symmetry_1 
_pdbx_validate_symm_contact.auth_atom_id_2 
_pdbx_validate_symm_contact.auth_asym_id_2 
_pdbx_validate_symm_contact.auth_comp_id_2 
_pdbx_validate_symm_contact.auth_seq_id_2 
_pdbx_validate_symm_contact.PDB_ins_code_2 
_pdbx_validate_symm_contact.label_alt_id_2 
_pdbx_validate_symm_contact.site_symmetry_2 
_pdbx_validate_symm_contact.dist 
1 1 P     C DC 1 ? ? 1_555 "O3'" A DG 5 ? ? 7_555 1.60 
2 1 "O3'" C DG 6 ? ? 1_555 P     B DC 1 ? ? 7_555 1.61 
3 1 "O3'" C DG 6 ? ? 1_555 OP2   B DC 1 ? ? 7_555 2.02 
4 1 "O3'" C DG 6 ? ? 1_555 OP1   B DC 1 ? ? 7_555 2.07 
# 
loop_
_pdbx_validate_rmsd_bond.id 
_pdbx_validate_rmsd_bond.PDB_model_num 
_pdbx_validate_rmsd_bond.auth_atom_id_1 
_pdbx_validate_rmsd_bond.auth_asym_id_1 
_pdbx_validate_rmsd_bond.auth_comp_id_1 
_pdbx_validate_rmsd_bond.auth_seq_id_1 
_pdbx_validate_rmsd_bond.PDB_ins_code_1 
_pdbx_validate_rmsd_bond.label_alt_id_1 
_pdbx_validate_rmsd_bond.auth_atom_id_2 
_pdbx_validate_rmsd_bond.auth_asym_id_2 
_pdbx_validate_rmsd_bond.auth_comp_id_2 
_pdbx_validate_rmsd_bond.auth_seq_id_2 
_pdbx_validate_rmsd_bond.PDB_ins_code_2 
_pdbx_validate_rmsd_bond.label_alt_id_2 
_pdbx_validate_rmsd_bond.bond_value 
_pdbx_validate_rmsd_bond.bond_target_value 
_pdbx_validate_rmsd_bond.bond_deviation 
_pdbx_validate_rmsd_bond.bond_standard_deviation 
_pdbx_validate_rmsd_bond.linker_flag 
1 1 "O3'" C DG 2 ? ? "C3'" C DG 2 ? ? 1.369 1.419 -0.050 0.006 N 
2 1 "O3'" A DG 2 ? ? "C3'" A DG 2 ? ? 1.374 1.419 -0.045 0.006 N 
# 
loop_
_pdbx_validate_rmsd_angle.id 
_pdbx_validate_rmsd_angle.PDB_model_num 
_pdbx_validate_rmsd_angle.auth_atom_id_1 
_pdbx_validate_rmsd_angle.auth_asym_id_1 
_pdbx_validate_rmsd_angle.auth_comp_id_1 
_pdbx_validate_rmsd_angle.auth_seq_id_1 
_pdbx_validate_rmsd_angle.PDB_ins_code_1 
_pdbx_validate_rmsd_angle.label_alt_id_1 
_pdbx_validate_rmsd_angle.auth_atom_id_2 
_pdbx_validate_rmsd_angle.auth_asym_id_2 
_pdbx_validate_rmsd_angle.auth_comp_id_2 
_pdbx_validate_rmsd_angle.auth_seq_id_2 
_pdbx_validate_rmsd_angle.PDB_ins_code_2 
_pdbx_validate_rmsd_angle.label_alt_id_2 
_pdbx_validate_rmsd_angle.auth_atom_id_3 
_pdbx_validate_rmsd_angle.auth_asym_id_3 
_pdbx_validate_rmsd_angle.auth_comp_id_3 
_pdbx_validate_rmsd_angle.auth_seq_id_3 
_pdbx_validate_rmsd_angle.PDB_ins_code_3 
_pdbx_validate_rmsd_angle.label_alt_id_3 
_pdbx_validate_rmsd_angle.angle_value 
_pdbx_validate_rmsd_angle.angle_target_value 
_pdbx_validate_rmsd_angle.angle_deviation 
_pdbx_validate_rmsd_angle.angle_standard_deviation 
_pdbx_validate_rmsd_angle.linker_flag 
1 1 N3    C DT 3 ? ? C4    C DT 3 ? ? O4    C DT 3 ? ? 123.86 119.90 3.96  0.60 N 
2 1 "O4'" A DC 1 ? ? "C4'" A DC 1 ? ? "C3'" A DC 1 ? ? 101.05 104.50 -3.45 0.40 N 
3 1 "C3'" A DC 1 ? ? "C2'" A DC 1 ? ? "C1'" A DC 1 ? ? 95.52  102.40 -6.88 0.80 N 
4 1 "O4'" A DG 2 ? ? "C1'" A DG 2 ? ? N9    A DG 2 ? ? 110.86 108.30 2.56  0.30 N 
5 1 "O4'" A DC 4 ? ? "C1'" A DC 4 ? ? N1    A DC 4 ? ? 110.67 108.30 2.37  0.30 N 
6 1 "C3'" B DC 5 ? ? "C2'" B DC 5 ? ? "C1'" B DC 5 ? ? 96.88  102.40 -5.52 0.80 N 
# 
loop_
_space_group_symop.id 
_space_group_symop.operation_xyz 
1 x,y,z        
2 -y,x,z+3/4   
3 y,-x,z+1/4   
4 x,-y,-z+1/2  
5 -x,y,-z      
6 -x,-y,z+1/2  
7 y,x,-z+1/4   
8 -y,-x,-z+3/4 
# 
_pdbx_refine_tls.id               1 
_pdbx_refine_tls.pdbx_refine_id   'X-RAY DIFFRACTION' 
_pdbx_refine_tls.details          ? 
_pdbx_refine_tls.method           refined 
_pdbx_refine_tls.origin_x         0.0556835379 
_pdbx_refine_tls.origin_y         -0.0037553361 
_pdbx_refine_tls.origin_z         -0.03465959936 
_pdbx_refine_tls.T[1][1]          0.395621335545 
_pdbx_refine_tls.T[1][1]_esd      ? 
_pdbx_refine_tls.T[1][2]          -0.08778122339 
_pdbx_refine_tls.T[1][2]_esd      ? 
_pdbx_refine_tls.T[1][3]          -0.236875828399 
_pdbx_refine_tls.T[1][3]_esd      ? 
_pdbx_refine_tls.T[2][2]          0.266082451588 
_pdbx_refine_tls.T[2][2]_esd      ? 
_pdbx_refine_tls.T[2][3]          0.377064594001 
_pdbx_refine_tls.T[2][3]_esd      ? 
_pdbx_refine_tls.T[3][3]          -0.057450736193 
_pdbx_refine_tls.T[3][3]_esd      ? 
_pdbx_refine_tls.L[1][1]          1.580626471468 
_pdbx_refine_tls.L[1][1]_esd      ? 
_pdbx_refine_tls.L[1][2]          0.56942865783 
_pdbx_refine_tls.L[1][2]_esd      ? 
_pdbx_refine_tls.L[1][3]          0.707633907096 
_pdbx_refine_tls.L[1][3]_esd      ? 
_pdbx_refine_tls.L[2][2]          1.08498245778 
_pdbx_refine_tls.L[2][2]_esd      ? 
_pdbx_refine_tls.L[2][3]          -0.740048459277 
_pdbx_refine_tls.L[2][3]_esd      ? 
_pdbx_refine_tls.L[3][3]          2.39270950536 
_pdbx_refine_tls.L[3][3]_esd      ? 
_pdbx_refine_tls.S[1][1]          1.534143957507 
_pdbx_refine_tls.S[1][1]_esd      ? 
_pdbx_refine_tls.S[1][2]          0.360255921559 
_pdbx_refine_tls.S[1][2]_esd      ? 
_pdbx_refine_tls.S[1][3]          0.001077595951 
_pdbx_refine_tls.S[1][3]_esd      ? 
_pdbx_refine_tls.S[2][1]          1.092341927189 
_pdbx_refine_tls.S[2][1]_esd      ? 
_pdbx_refine_tls.S[2][2]          0.95429913015 
_pdbx_refine_tls.S[2][2]_esd      ? 
_pdbx_refine_tls.S[2][3]          -0.305718762089 
_pdbx_refine_tls.S[2][3]_esd      ? 
_pdbx_refine_tls.S[3][1]          -0.24219990108 
_pdbx_refine_tls.S[3][1]_esd      ? 
_pdbx_refine_tls.S[3][2]          0.111473329859 
_pdbx_refine_tls.S[3][2]_esd      ? 
_pdbx_refine_tls.S[3][3]          1.05714868379 
_pdbx_refine_tls.S[3][3]_esd      ? 
# 
_pdbx_refine_tls_group.id                  1 
_pdbx_refine_tls_group.pdbx_refine_id      'X-RAY DIFFRACTION' 
_pdbx_refine_tls_group.refine_tls_id       1 
_pdbx_refine_tls_group.beg_label_asym_id   A 
_pdbx_refine_tls_group.beg_label_seq_id    ? 
_pdbx_refine_tls_group.beg_auth_asym_id    C 
_pdbx_refine_tls_group.beg_auth_seq_id     1 
_pdbx_refine_tls_group.beg_PDB_ins_code    ? 
_pdbx_refine_tls_group.end_label_asym_id   C 
_pdbx_refine_tls_group.end_label_seq_id    ? 
_pdbx_refine_tls_group.end_auth_asym_id    B 
_pdbx_refine_tls_group.end_auth_seq_id     5 
_pdbx_refine_tls_group.end_PDB_ins_code    ? 
_pdbx_refine_tls_group.selection           ? 
_pdbx_refine_tls_group.selection_details   all 
# 
loop_
_chem_comp_atom.comp_id 
_chem_comp_atom.atom_id 
_chem_comp_atom.type_symbol 
_chem_comp_atom.pdbx_aromatic_flag 
_chem_comp_atom.pdbx_stereo_config 
_chem_comp_atom.pdbx_ordinal 
DA OP3    O N N 1   
DA P      P N N 2   
DA OP1    O N N 3   
DA OP2    O N N 4   
DA "O5'"  O N N 5   
DA "C5'"  C N N 6   
DA "C4'"  C N R 7   
DA "O4'"  O N N 8   
DA "C3'"  C N S 9   
DA "O3'"  O N N 10  
DA "C2'"  C N N 11  
DA "C1'"  C N R 12  
DA N9     N Y N 13  
DA C8     C Y N 14  
DA N7     N Y N 15  
DA C5     C Y N 16  
DA C6     C Y N 17  
DA N6     N N N 18  
DA N1     N Y N 19  
DA C2     C Y N 20  
DA N3     N Y N 21  
DA C4     C Y N 22  
DA HOP3   H N N 23  
DA HOP2   H N N 24  
DA "H5'"  H N N 25  
DA "H5''" H N N 26  
DA "H4'"  H N N 27  
DA "H3'"  H N N 28  
DA "HO3'" H N N 29  
DA "H2'"  H N N 30  
DA "H2''" H N N 31  
DA "H1'"  H N N 32  
DA H8     H N N 33  
DA H61    H N N 34  
DA H62    H N N 35  
DA H2     H N N 36  
DC OP3    O N N 37  
DC P      P N N 38  
DC OP1    O N N 39  
DC OP2    O N N 40  
DC "O5'"  O N N 41  
DC "C5'"  C N N 42  
DC "C4'"  C N R 43  
DC "O4'"  O N N 44  
DC "C3'"  C N S 45  
DC "O3'"  O N N 46  
DC "C2'"  C N N 47  
DC "C1'"  C N R 48  
DC N1     N N N 49  
DC C2     C N N 50  
DC O2     O N N 51  
DC N3     N N N 52  
DC C4     C N N 53  
DC N4     N N N 54  
DC C5     C N N 55  
DC C6     C N N 56  
DC HOP3   H N N 57  
DC HOP2   H N N 58  
DC "H5'"  H N N 59  
DC "H5''" H N N 60  
DC "H4'"  H N N 61  
DC "H3'"  H N N 62  
DC "HO3'" H N N 63  
DC "H2'"  H N N 64  
DC "H2''" H N N 65  
DC "H1'"  H N N 66  
DC H41    H N N 67  
DC H42    H N N 68  
DC H5     H N N 69  
DC H6     H N N 70  
DG OP3    O N N 71  
DG P      P N N 72  
DG OP1    O N N 73  
DG OP2    O N N 74  
DG "O5'"  O N N 75  
DG "C5'"  C N N 76  
DG "C4'"  C N R 77  
DG "O4'"  O N N 78  
DG "C3'"  C N S 79  
DG "O3'"  O N N 80  
DG "C2'"  C N N 81  
DG "C1'"  C N R 82  
DG N9     N Y N 83  
DG C8     C Y N 84  
DG N7     N Y N 85  
DG C5     C Y N 86  
DG C6     C N N 87  
DG O6     O N N 88  
DG N1     N N N 89  
DG C2     C N N 90  
DG N2     N N N 91  
DG N3     N N N 92  
DG C4     C Y N 93  
DG HOP3   H N N 94  
DG HOP2   H N N 95  
DG "H5'"  H N N 96  
DG "H5''" H N N 97  
DG "H4'"  H N N 98  
DG "H3'"  H N N 99  
DG "HO3'" H N N 100 
DG "H2'"  H N N 101 
DG "H2''" H N N 102 
DG "H1'"  H N N 103 
DG H8     H N N 104 
DG H1     H N N 105 
DG H21    H N N 106 
DG H22    H N N 107 
DT OP3    O N N 108 
DT P      P N N 109 
DT OP1    O N N 110 
DT OP2    O N N 111 
DT "O5'"  O N N 112 
DT "C5'"  C N N 113 
DT "C4'"  C N R 114 
DT "O4'"  O N N 115 
DT "C3'"  C N S 116 
DT "O3'"  O N N 117 
DT "C2'"  C N N 118 
DT "C1'"  C N R 119 
DT N1     N N N 120 
DT C2     C N N 121 
DT O2     O N N 122 
DT N3     N N N 123 
DT C4     C N N 124 
DT O4     O N N 125 
DT C5     C N N 126 
DT C7     C N N 127 
DT C6     C N N 128 
DT HOP3   H N N 129 
DT HOP2   H N N 130 
DT "H5'"  H N N 131 
DT "H5''" H N N 132 
DT "H4'"  H N N 133 
DT "H3'"  H N N 134 
DT "HO3'" H N N 135 
DT "H2'"  H N N 136 
DT "H2''" H N N 137 
DT "H1'"  H N N 138 
DT H3     H N N 139 
DT H71    H N N 140 
DT H72    H N N 141 
DT H73    H N N 142 
DT H6     H N N 143 
# 
loop_
_chem_comp_bond.comp_id 
_chem_comp_bond.atom_id_1 
_chem_comp_bond.atom_id_2 
_chem_comp_bond.value_order 
_chem_comp_bond.pdbx_aromatic_flag 
_chem_comp_bond.pdbx_stereo_config 
_chem_comp_bond.pdbx_ordinal 
DA OP3   P      sing N N 1   
DA OP3   HOP3   sing N N 2   
DA P     OP1    doub N N 3   
DA P     OP2    sing N N 4   
DA P     "O5'"  sing N N 5   
DA OP2   HOP2   sing N N 6   
DA "O5'" "C5'"  sing N N 7   
DA "C5'" "C4'"  sing N N 8   
DA "C5'" "H5'"  sing N N 9   
DA "C5'" "H5''" sing N N 10  
DA "C4'" "O4'"  sing N N 11  
DA "C4'" "C3'"  sing N N 12  
DA "C4'" "H4'"  sing N N 13  
DA "O4'" "C1'"  sing N N 14  
DA "C3'" "O3'"  sing N N 15  
DA "C3'" "C2'"  sing N N 16  
DA "C3'" "H3'"  sing N N 17  
DA "O3'" "HO3'" sing N N 18  
DA "C2'" "C1'"  sing N N 19  
DA "C2'" "H2'"  sing N N 20  
DA "C2'" "H2''" sing N N 21  
DA "C1'" N9     sing N N 22  
DA "C1'" "H1'"  sing N N 23  
DA N9    C8     sing Y N 24  
DA N9    C4     sing Y N 25  
DA C8    N7     doub Y N 26  
DA C8    H8     sing N N 27  
DA N7    C5     sing Y N 28  
DA C5    C6     sing Y N 29  
DA C5    C4     doub Y N 30  
DA C6    N6     sing N N 31  
DA C6    N1     doub Y N 32  
DA N6    H61    sing N N 33  
DA N6    H62    sing N N 34  
DA N1    C2     sing Y N 35  
DA C2    N3     doub Y N 36  
DA C2    H2     sing N N 37  
DA N3    C4     sing Y N 38  
DC OP3   P      sing N N 39  
DC OP3   HOP3   sing N N 40  
DC P     OP1    doub N N 41  
DC P     OP2    sing N N 42  
DC P     "O5'"  sing N N 43  
DC OP2   HOP2   sing N N 44  
DC "O5'" "C5'"  sing N N 45  
DC "C5'" "C4'"  sing N N 46  
DC "C5'" "H5'"  sing N N 47  
DC "C5'" "H5''" sing N N 48  
DC "C4'" "O4'"  sing N N 49  
DC "C4'" "C3'"  sing N N 50  
DC "C4'" "H4'"  sing N N 51  
DC "O4'" "C1'"  sing N N 52  
DC "C3'" "O3'"  sing N N 53  
DC "C3'" "C2'"  sing N N 54  
DC "C3'" "H3'"  sing N N 55  
DC "O3'" "HO3'" sing N N 56  
DC "C2'" "C1'"  sing N N 57  
DC "C2'" "H2'"  sing N N 58  
DC "C2'" "H2''" sing N N 59  
DC "C1'" N1     sing N N 60  
DC "C1'" "H1'"  sing N N 61  
DC N1    C2     sing N N 62  
DC N1    C6     sing N N 63  
DC C2    O2     doub N N 64  
DC C2    N3     sing N N 65  
DC N3    C4     doub N N 66  
DC C4    N4     sing N N 67  
DC C4    C5     sing N N 68  
DC N4    H41    sing N N 69  
DC N4    H42    sing N N 70  
DC C5    C6     doub N N 71  
DC C5    H5     sing N N 72  
DC C6    H6     sing N N 73  
DG OP3   P      sing N N 74  
DG OP3   HOP3   sing N N 75  
DG P     OP1    doub N N 76  
DG P     OP2    sing N N 77  
DG P     "O5'"  sing N N 78  
DG OP2   HOP2   sing N N 79  
DG "O5'" "C5'"  sing N N 80  
DG "C5'" "C4'"  sing N N 81  
DG "C5'" "H5'"  sing N N 82  
DG "C5'" "H5''" sing N N 83  
DG "C4'" "O4'"  sing N N 84  
DG "C4'" "C3'"  sing N N 85  
DG "C4'" "H4'"  sing N N 86  
DG "O4'" "C1'"  sing N N 87  
DG "C3'" "O3'"  sing N N 88  
DG "C3'" "C2'"  sing N N 89  
DG "C3'" "H3'"  sing N N 90  
DG "O3'" "HO3'" sing N N 91  
DG "C2'" "C1'"  sing N N 92  
DG "C2'" "H2'"  sing N N 93  
DG "C2'" "H2''" sing N N 94  
DG "C1'" N9     sing N N 95  
DG "C1'" "H1'"  sing N N 96  
DG N9    C8     sing Y N 97  
DG N9    C4     sing Y N 98  
DG C8    N7     doub Y N 99  
DG C8    H8     sing N N 100 
DG N7    C5     sing Y N 101 
DG C5    C6     sing N N 102 
DG C5    C4     doub Y N 103 
DG C6    O6     doub N N 104 
DG C6    N1     sing N N 105 
DG N1    C2     sing N N 106 
DG N1    H1     sing N N 107 
DG C2    N2     sing N N 108 
DG C2    N3     doub N N 109 
DG N2    H21    sing N N 110 
DG N2    H22    sing N N 111 
DG N3    C4     sing N N 112 
DT OP3   P      sing N N 113 
DT OP3   HOP3   sing N N 114 
DT P     OP1    doub N N 115 
DT P     OP2    sing N N 116 
DT P     "O5'"  sing N N 117 
DT OP2   HOP2   sing N N 118 
DT "O5'" "C5'"  sing N N 119 
DT "C5'" "C4'"  sing N N 120 
DT "C5'" "H5'"  sing N N 121 
DT "C5'" "H5''" sing N N 122 
DT "C4'" "O4'"  sing N N 123 
DT "C4'" "C3'"  sing N N 124 
DT "C4'" "H4'"  sing N N 125 
DT "O4'" "C1'"  sing N N 126 
DT "C3'" "O3'"  sing N N 127 
DT "C3'" "C2'"  sing N N 128 
DT "C3'" "H3'"  sing N N 129 
DT "O3'" "HO3'" sing N N 130 
DT "C2'" "C1'"  sing N N 131 
DT "C2'" "H2'"  sing N N 132 
DT "C2'" "H2''" sing N N 133 
DT "C1'" N1     sing N N 134 
DT "C1'" "H1'"  sing N N 135 
DT N1    C2     sing N N 136 
DT N1    C6     sing N N 137 
DT C2    O2     doub N N 138 
DT C2    N3     sing N N 139 
DT N3    C4     sing N N 140 
DT N3    H3     sing N N 141 
DT C4    O4     doub N N 142 
DT C4    C5     sing N N 143 
DT C5    C7     sing N N 144 
DT C5    C6     doub N N 145 
DT C7    H71    sing N N 146 
DT C7    H72    sing N N 147 
DT C7    H73    sing N N 148 
DT C6    H6     sing N N 149 
# 
_ndb_struct_conf_na.entry_id   8EPE 
_ndb_struct_conf_na.feature    'b-form double helix' 
# 
loop_
_ndb_struct_na_base_pair.model_number 
_ndb_struct_na_base_pair.i_label_asym_id 
_ndb_struct_na_base_pair.i_label_comp_id 
_ndb_struct_na_base_pair.i_label_seq_id 
_ndb_struct_na_base_pair.i_symmetry 
_ndb_struct_na_base_pair.j_label_asym_id 
_ndb_struct_na_base_pair.j_label_comp_id 
_ndb_struct_na_base_pair.j_label_seq_id 
_ndb_struct_na_base_pair.j_symmetry 
_ndb_struct_na_base_pair.shear 
_ndb_struct_na_base_pair.stretch 
_ndb_struct_na_base_pair.stagger 
_ndb_struct_na_base_pair.buckle 
_ndb_struct_na_base_pair.propeller 
_ndb_struct_na_base_pair.opening 
_ndb_struct_na_base_pair.pair_number 
_ndb_struct_na_base_pair.pair_name 
_ndb_struct_na_base_pair.i_auth_asym_id 
_ndb_struct_na_base_pair.i_auth_seq_id 
_ndb_struct_na_base_pair.i_PDB_ins_code 
_ndb_struct_na_base_pair.j_auth_asym_id 
_ndb_struct_na_base_pair.j_auth_seq_id 
_ndb_struct_na_base_pair.j_PDB_ins_code 
_ndb_struct_na_base_pair.hbond_type_28 
_ndb_struct_na_base_pair.hbond_type_12 
1 A DC 1 1_555 B DG 5 1_555 0.262  0.060  0.364  -5.587 -1.083 4.760  1 C_DC1:DG5_A C 1 ? A 5 ? 19 1 
1 A DG 2 1_555 B DC 4 1_555 -0.164 -0.074 0.116  -0.421 -0.301 2.500  2 C_DG2:DC4_A C 2 ? A 4 ? 19 1 
1 A DT 3 1_555 B DA 3 1_555 -0.017 -0.116 0.046  1.707  -4.070 -3.188 3 C_DT3:DA3_A C 3 ? A 3 ? 20 1 
1 A DG 4 1_555 C DC 3 1_555 -0.148 -0.070 0.253  3.624  -7.163 -0.312 4 C_DG4:DC3_B C 4 ? B 3 ? 19 1 
1 A DG 5 1_555 C DC 2 1_555 -0.119 -0.132 -0.117 -3.242 -3.730 -1.090 5 C_DG5:DC2_B C 5 ? B 2 ? 19 1 
1 A DG 6 1_555 C DC 1 1_555 -0.282 -0.057 -0.483 -3.684 -6.718 1.495  6 C_DG6:DC1_B C 6 ? B 1 ? 19 1 
# 
loop_
_ndb_struct_na_base_pair_step.model_number 
_ndb_struct_na_base_pair_step.i_label_asym_id_1 
_ndb_struct_na_base_pair_step.i_label_comp_id_1 
_ndb_struct_na_base_pair_step.i_label_seq_id_1 
_ndb_struct_na_base_pair_step.i_symmetry_1 
_ndb_struct_na_base_pair_step.j_label_asym_id_1 
_ndb_struct_na_base_pair_step.j_label_comp_id_1 
_ndb_struct_na_base_pair_step.j_label_seq_id_1 
_ndb_struct_na_base_pair_step.j_symmetry_1 
_ndb_struct_na_base_pair_step.i_label_asym_id_2 
_ndb_struct_na_base_pair_step.i_label_comp_id_2 
_ndb_struct_na_base_pair_step.i_label_seq_id_2 
_ndb_struct_na_base_pair_step.i_symmetry_2 
_ndb_struct_na_base_pair_step.j_label_asym_id_2 
_ndb_struct_na_base_pair_step.j_label_comp_id_2 
_ndb_struct_na_base_pair_step.j_label_seq_id_2 
_ndb_struct_na_base_pair_step.j_symmetry_2 
_ndb_struct_na_base_pair_step.shift 
_ndb_struct_na_base_pair_step.slide 
_ndb_struct_na_base_pair_step.rise 
_ndb_struct_na_base_pair_step.tilt 
_ndb_struct_na_base_pair_step.roll 
_ndb_struct_na_base_pair_step.twist 
_ndb_struct_na_base_pair_step.x_displacement 
_ndb_struct_na_base_pair_step.y_displacement 
_ndb_struct_na_base_pair_step.helical_rise 
_ndb_struct_na_base_pair_step.inclination 
_ndb_struct_na_base_pair_step.tip 
_ndb_struct_na_base_pair_step.helical_twist 
_ndb_struct_na_base_pair_step.step_number 
_ndb_struct_na_base_pair_step.step_name 
_ndb_struct_na_base_pair_step.i_auth_asym_id_1 
_ndb_struct_na_base_pair_step.i_auth_seq_id_1 
_ndb_struct_na_base_pair_step.i_PDB_ins_code_1 
_ndb_struct_na_base_pair_step.j_auth_asym_id_1 
_ndb_struct_na_base_pair_step.j_auth_seq_id_1 
_ndb_struct_na_base_pair_step.j_PDB_ins_code_1 
_ndb_struct_na_base_pair_step.i_auth_asym_id_2 
_ndb_struct_na_base_pair_step.i_auth_seq_id_2 
_ndb_struct_na_base_pair_step.i_PDB_ins_code_2 
_ndb_struct_na_base_pair_step.j_auth_asym_id_2 
_ndb_struct_na_base_pair_step.j_auth_seq_id_2 
_ndb_struct_na_base_pair_step.j_PDB_ins_code_2 
1 A DC 1 1_555 B DG 5 1_555 A DG 2 1_555 B DC 4 1_555 -0.116 0.580  3.123 -0.632 2.313 38.085 0.607  0.100  3.153 3.540 0.967  
38.158 1 CC_DC1DG2:DC4DG5_AA C 1 ? A 5 ? C 2 ? A 4 ? 
1 A DG 2 1_555 B DC 4 1_555 A DT 3 1_555 B DA 3 1_555 -0.321 -0.475 3.361 0.093  1.845 29.200 -1.349 0.657  3.324 3.655 -0.184 
29.257 2 CC_DG2DT3:DA3DC4_AA C 2 ? A 4 ? C 3 ? A 3 ? 
1 A DG 4 1_555 C DC 3 1_555 A DG 5 1_555 C DC 2 1_555 0.271  -0.238 3.553 0.545  4.432 32.203 -1.264 -0.380 3.494 7.943 -0.977 
32.503 3 CC_DG4DG5:DC2DC3_BB C 4 ? B 3 ? C 5 ? B 2 ? 
1 A DG 5 1_555 C DC 2 1_555 A DG 6 1_555 C DC 1 1_555 0.077  0.493  3.455 2.597  1.545 33.098 0.588  0.326  3.469 2.705 -4.547 
33.232 4 CC_DG5DG6:DC1DC2_BB C 5 ? B 2 ? C 6 ? B 1 ? 
# 
loop_
_pdbx_audit_support.funding_organization 
_pdbx_audit_support.country 
_pdbx_audit_support.grant_number 
_pdbx_audit_support.ordinal 
'National Science Foundation (NSF, United States)'                                         'United States' CMMI-2025187 1 
'National Science Foundation (NSF, United States)'                                         'United States' CCF-2107393  2 
'National Institutes of Health/National Institute of General Medical Sciences (NIH/NIGMS)' 'United States' 1R01GM127884 3 
'National Institutes of Health/National Institute of General Medical Sciences (NIH/NIGMS)' 'United States' 1R01GM127896 4 
# 
_pdbx_initial_refinement_model.accession_code   ? 
_pdbx_initial_refinement_model.id               1 
_pdbx_initial_refinement_model.entity_id_list   ? 
_pdbx_initial_refinement_model.type             'in silico model' 
_pdbx_initial_refinement_model.source_name      Other 
_pdbx_initial_refinement_model.details          'ideal B type DNA duplexes generated in Cadnano' 
# 
_space_group.name_H-M_alt     'P 43 2 2' 
_space_group.name_Hall        'P 4cw 2c' 
_space_group.IT_number        95 
_space_group.crystal_system   tetragonal 
_space_group.id               1 
# 
_atom_sites.entry_id                    8EPE 
_atom_sites.Cartn_transf_matrix[1][1]   ? 
_atom_sites.Cartn_transf_matrix[1][2]   ? 
_atom_sites.Cartn_transf_matrix[1][3]   ? 
_atom_sites.Cartn_transf_matrix[2][1]   ? 
_atom_sites.Cartn_transf_matrix[2][2]   ? 
_atom_sites.Cartn_transf_matrix[2][3]   ? 
_atom_sites.Cartn_transf_matrix[3][1]   ? 
_atom_sites.Cartn_transf_matrix[3][2]   ? 
_atom_sites.Cartn_transf_matrix[3][3]   ? 
_atom_sites.Cartn_transf_vector[1]      ? 
_atom_sites.Cartn_transf_vector[2]      ? 
_atom_sites.Cartn_transf_vector[3]      ? 
_atom_sites.fract_transf_matrix[1][1]   -0.01957719 
_atom_sites.fract_transf_matrix[1][2]   0.02090345 
_atom_sites.fract_transf_matrix[1][3]   -0.00029372 
_atom_sites.fract_transf_matrix[2][1]   0.00347150 
_atom_sites.fract_transf_matrix[2][2]   0.00364742 
_atom_sites.fract_transf_matrix[2][3]   0.02819489 
_atom_sites.fract_transf_matrix[3][1]   0.00685664 
_atom_sites.fract_transf_matrix[3][2]   0.00639811 
_atom_sites.fract_transf_matrix[3][3]   -0.00167192 
_atom_sites.fract_transf_vector[1]      0.213242 
_atom_sites.fract_transf_vector[2]      0.297021 
_atom_sites.fract_transf_vector[3]      0.061928 
_atom_sites.solution_primary            ? 
_atom_sites.solution_secondary          ? 
_atom_sites.solution_hydrogens          ? 
_atom_sites.special_details             ? 
# 
loop_
_atom_type.symbol 
_atom_type.scat_dispersion_real 
_atom_type.scat_dispersion_imag 
_atom_type.scat_Cromer_Mann_a1 
_atom_type.scat_Cromer_Mann_a2 
_atom_type.scat_Cromer_Mann_a3 
_atom_type.scat_Cromer_Mann_a4 
_atom_type.scat_Cromer_Mann_b1 
_atom_type.scat_Cromer_Mann_b2 
_atom_type.scat_Cromer_Mann_b3 
_atom_type.scat_Cromer_Mann_b4 
_atom_type.scat_Cromer_Mann_c 
_atom_type.scat_source 
_atom_type.scat_dispersion_source 
C ? ? 3.54356 2.42580 ? ? 25.62398 1.50364  ? ? 0.0 
;2-Gaussian fit: Grosse-Kunstleve RW, Sauter NK, Adams PD: Newsletter of the IUCr Commission on Crystallographic Computing 2004, 3, 22-31.
;
? 
N ? ? 4.01032 2.96436 ? ? 19.97189 1.75589  ? ? 0.0 
;2-Gaussian fit: Grosse-Kunstleve RW, Sauter NK, Adams PD: Newsletter of the IUCr Commission on Crystallographic Computing 2004, 3, 22-31.
;
? 
O ? ? 4.49882 3.47563 ? ? 15.80542 1.70748  ? ? 0.0 
;2-Gaussian fit: Grosse-Kunstleve RW, Sauter NK, Adams PD: Newsletter of the IUCr Commission on Crystallographic Computing 2004, 3, 22-31.
;
? 
P ? ? 9.51135 5.44231 ? ? 1.42069  35.72801 ? ? 0.0 
;2-Gaussian fit: Grosse-Kunstleve RW, Sauter NK, Adams PD: Newsletter of the IUCr Commission on Crystallographic Computing 2004, 3, 22-31.
;
? 
# 
loop_
_atom_site.group_PDB 
_atom_site.id 
_atom_site.type_symbol 
_atom_site.label_atom_id 
_atom_site.label_alt_id 
_atom_site.label_comp_id 
_atom_site.label_asym_id 
_atom_site.label_entity_id 
_atom_site.label_seq_id 
_atom_site.pdbx_PDB_ins_code 
_atom_site.Cartn_x 
_atom_site.Cartn_y 
_atom_site.Cartn_z 
_atom_site.occupancy 
_atom_site.B_iso_or_equiv 
_atom_site.pdbx_formal_charge 
_atom_site.auth_seq_id 
_atom_site.auth_comp_id 
_atom_site.auth_asym_id 
_atom_site.auth_atom_id 
_atom_site.pdbx_PDB_model_num 
ATOM 1   P P     . DC A 1 1 ? -5.24777  12.09604  -3.82929  1.000 77.00512  ? 1 DC C P     1 
ATOM 2   O OP1   . DC A 1 1 ? -5.44434  12.25800  -5.29409  1.000 78.50444  ? 1 DC C OP1   1 
ATOM 3   O OP2   . DC A 1 1 ? -6.40666  12.05049  -2.91757  1.000 79.05231  ? 1 DC C OP2   1 
ATOM 4   O "O5'" . DC A 1 1 ? -4.45669  10.74072  -3.58193  1.000 69.67734  ? 1 DC C "O5'" 1 
ATOM 5   C "C5'" . DC A 1 1 ? -3.08964  10.66605  -3.91458  1.000 71.01470  ? 1 DC C "C5'" 1 
ATOM 6   C "C4'" . DC A 1 1 ? -2.48267  9.41855   -3.32840  1.000 67.39682  ? 1 DC C "C4'" 1 
ATOM 7   O "O4'" . DC A 1 1 ? -2.04723  9.66932   -1.96047  1.000 60.64453  ? 1 DC C "O4'" 1 
ATOM 8   C "C3'" . DC A 1 1 ? -3.42689  8.22973   -3.26240  1.000 64.47029  ? 1 DC C "C3'" 1 
ATOM 9   O "O3'" . DC A 1 1 ? -2.68728  7.07967   -3.50418  1.000 67.29474  ? 1 DC C "O3'" 1 
ATOM 10  C "C2'" . DC A 1 1 ? -3.93002  8.27607   -1.81896  1.000 65.76052  ? 1 DC C "C2'" 1 
ATOM 11  C "C1'" . DC A 1 1 ? -2.70078  8.78248   -1.08016  1.000 57.34520  ? 1 DC C "C1'" 1 
ATOM 12  N N1    . DC A 1 1 ? -3.00360  9.53058   0.16922   1.000 57.09807  ? 1 DC C N1    1 
ATOM 13  C C2    . DC A 1 1 ? -2.27383  9.23277   1.30573   1.000 53.79161  ? 1 DC C C2    1 
ATOM 14  O O2    . DC A 1 1 ? -1.42231  8.34538   1.22419   1.000 52.62327  ? 1 DC C O2    1 
ATOM 15  N N3    . DC A 1 1 ? -2.51659  9.92488   2.45903   1.000 51.21287  ? 1 DC C N3    1 
ATOM 16  C C4    . DC A 1 1 ? -3.46281  10.87903  2.47406   1.000 50.08988  ? 1 DC C C4    1 
ATOM 17  N N4    . DC A 1 1 ? -3.67524  11.53216  3.62303   1.000 50.91642  ? 1 DC C N4    1 
ATOM 18  C C5    . DC A 1 1 ? -4.22094  11.20397  1.30839   1.000 50.75265  ? 1 DC C C5    1 
ATOM 19  C C6    . DC A 1 1 ? -3.95920  10.51407  0.18621   1.000 56.92984  ? 1 DC C C6    1 
ATOM 20  P P     . DG A 1 2 ? -3.41109  5.67053   -3.72329  1.000 72.86319  ? 2 DG C P     1 
ATOM 21  O OP1   . DG A 1 2 ? -2.84857  5.11817   -4.98051  1.000 68.74744  ? 2 DG C OP1   1 
ATOM 22  O OP2   . DG A 1 2 ? -4.87543  5.81691   -3.47888  1.000 65.12675  ? 2 DG C OP2   1 
ATOM 23  O "O5'" . DG A 1 2 ? -2.77213  4.76868   -2.59351  1.000 62.90388  ? 2 DG C "O5'" 1 
ATOM 24  C "C5'" . DG A 1 2 ? -1.37789  4.66606   -2.53226  1.000 59.19594  ? 2 DG C "C5'" 1 
ATOM 25  C "C4'" . DG A 1 2 ? -0.94310  3.81656   -1.35411  1.000 62.91347  ? 2 DG C "C4'" 1 
ATOM 26  O "O4'" . DG A 1 2 ? -1.08994  4.54439   -0.10901  1.000 63.89061  ? 2 DG C "O4'" 1 
ATOM 27  C "C3'" . DG A 1 2 ? -1.71162  2.52992   -1.12816  1.000 60.52032  ? 2 DG C "C3'" 1 
ATOM 28  O "O3'" . DG A 1 2 ? -0.88346  1.74391   -0.37245  1.000 63.69622  ? 2 DG C "O3'" 1 
ATOM 29  C "C2'" . DG A 1 2 ? -2.88552  3.00973   -0.28378  1.000 49.51449  ? 2 DG C "C2'" 1 
ATOM 30  C "C1'" . DG A 1 2 ? -2.16052  3.99483   0.64144   1.000 52.81844  ? 2 DG C "C1'" 1 
ATOM 31  N N9    . DG A 1 2 ? -2.98586  5.09767   1.13625   1.000 49.07779  ? 2 DG C N9    1 
ATOM 32  C C8    . DG A 1 2 ? -3.93178  5.82249   0.44971   1.000 51.77040  ? 2 DG C C8    1 
ATOM 33  N N7    . DG A 1 2 ? -4.49792  6.75313   1.17145   1.000 46.37965  ? 2 DG C N7    1 
ATOM 34  C C5    . DG A 1 2 ? -3.88061  6.63749   2.40265   1.000 47.82747  ? 2 DG C C5    1 
ATOM 35  C C6    . DG A 1 2 ? -4.06682  7.38087   3.59130   1.000 50.02999  ? 2 DG C C6    1 
ATOM 36  O O6    . DG A 1 2 ? -4.84765  8.31839   3.79514   1.000 48.53563  ? 2 DG C O6    1 
ATOM 37  N N1    . DG A 1 2 ? -3.21714  6.94252   4.61733   1.000 48.06905  ? 2 DG C N1    1 
ATOM 38  C C2    . DG A 1 2 ? -2.30080  5.92062   4.48963   1.000 45.77010  ? 2 DG C C2    1 
ATOM 39  N N2    . DG A 1 2 ? -1.55410  5.63551   5.56736   1.000 43.19707  ? 2 DG C N2    1 
ATOM 40  N N3    . DG A 1 2 ? -2.12502  5.22186   3.37677   1.000 46.66371  ? 2 DG C N3    1 
ATOM 41  C C4    . DG A 1 2 ? -2.94201  5.63151   2.38556   1.000 47.18651  ? 2 DG C C4    1 
ATOM 42  P P     . DT A 1 3 ? -0.80115  0.16554   -0.57567  1.000 65.68613  ? 3 DT C P     1 
ATOM 43  O OP1   . DT A 1 3 ? 0.39890   -0.09687  -1.42196  1.000 53.36786  ? 3 DT C OP1   1 
ATOM 44  O OP2   . DT A 1 3 ? -2.16730  -0.31031  -0.95725  1.000 52.08434  ? 3 DT C OP2   1 
ATOM 45  O "O5'" . DT A 1 3 ? -0.44629  -0.28667  0.91962   1.000 61.53473  ? 3 DT C "O5'" 1 
ATOM 46  C "C5'" . DT A 1 3 ? -0.19987  0.73443   1.91704   1.000 56.07123  ? 3 DT C "C5'" 1 
ATOM 47  C "C4'" . DT A 1 3 ? -0.96220  0.43180   3.19627   1.000 48.92973  ? 3 DT C "C4'" 1 
ATOM 48  O "O4'" . DT A 1 3 ? -1.75478  1.58078   3.60221   1.000 40.89029  ? 3 DT C "O4'" 1 
ATOM 49  C "C3'" . DT A 1 3 ? -1.93549  -0.74673  3.10226   1.000 51.62837  ? 3 DT C "C3'" 1 
ATOM 50  O "O3'" . DT A 1 3 ? -1.64713  -1.69598  4.14266   1.000 57.07163  ? 3 DT C "O3'" 1 
ATOM 51  C "C2'" . DT A 1 3 ? -3.30498  -0.09103  3.31070   1.000 48.31763  ? 3 DT C "C2'" 1 
ATOM 52  C "C1'" . DT A 1 3 ? -2.94235  1.11867   4.16578   1.000 39.54787  ? 3 DT C "C1'" 1 
ATOM 53  N N1    . DT A 1 3 ? -3.95474  2.21247   4.10543   1.000 41.63838  ? 3 DT C N1    1 
ATOM 54  C C2    . DT A 1 3 ? -4.18253  3.00698   5.19600   1.000 42.19469  ? 3 DT C C2    1 
ATOM 55  O O2    . DT A 1 3 ? -3.59999  2.87376   6.23850   1.000 40.73076  ? 3 DT C O2    1 
ATOM 56  N N3    . DT A 1 3 ? -5.13918  3.97223   5.00893   1.000 43.13172  ? 3 DT C N3    1 
ATOM 57  C C4    . DT A 1 3 ? -5.87313  4.19949   3.84407   1.000 40.76960  ? 3 DT C C4    1 
ATOM 58  O O4    . DT A 1 3 ? -6.71602  5.07166   3.73238   1.000 40.10464  ? 3 DT C O4    1 
ATOM 59  C C5    . DT A 1 3 ? -5.58776  3.33546   2.77331   1.000 42.91113  ? 3 DT C C5    1 
ATOM 60  C C7    . DT A 1 3 ? -6.32546  3.49754   1.48857   1.000 50.19432  ? 3 DT C C7    1 
ATOM 61  C C6    . DT A 1 3 ? -4.65447  2.39676   2.94331   1.000 46.71048  ? 3 DT C C6    1 
ATOM 62  P P     . DG A 1 4 ? -0.56877  -2.88246  3.93769   1.000 56.36220  ? 4 DG C P     1 
ATOM 63  O OP1   . DG A 1 4 ? -1.37283  -4.09452  3.65971   1.000 46.93918  ? 4 DG C OP1   1 
ATOM 64  O OP2   . DG A 1 4 ? 0.43509   -2.86172  5.03521   1.000 66.62915  ? 4 DG C OP2   1 
ATOM 65  O "O5'" . DG A 1 4 ? 0.26554   -2.45802  2.66026   1.000 52.98549  ? 4 DG C "O5'" 1 
ATOM 66  C "C5'" . DG A 1 4 ? 0.44573   -3.38242  1.63572   1.000 59.37831  ? 4 DG C "C5'" 1 
ATOM 67  C "C4'" . DG A 1 4 ? 1.79889   -4.03563  1.72131   1.000 61.64736  ? 4 DG C "C4'" 1 
ATOM 68  O "O4'" . DG A 1 4 ? 1.96569   -4.88033  0.55054   1.000 57.43674  ? 4 DG C "O4'" 1 
ATOM 69  C "C3'" . DG A 1 4 ? 2.97010   -3.06745  1.68057   1.000 62.69174  ? 4 DG C "C3'" 1 
ATOM 70  O "O3'" . DG A 1 4 ? 4.11591   -3.67590  2.26573   1.000 66.31950  ? 4 DG C "O3'" 1 
ATOM 71  C "C2'" . DG A 1 4 ? 3.14393   -2.87756  0.17495   1.000 63.63725  ? 4 DG C "C2'" 1 
ATOM 72  C "C1'" . DG A 1 4 ? 2.91137   -4.30186  -0.32508  1.000 57.82262  ? 4 DG C "C1'" 1 
ATOM 73  N N9    . DG A 1 4 ? 2.35615   -4.37962  -1.65018  1.000 53.93000  ? 4 DG C N9    1 
ATOM 74  C C8    . DG A 1 4 ? 1.29441   -3.66829  -2.14006  1.000 57.60659  ? 4 DG C C8    1 
ATOM 75  N N7    . DG A 1 4 ? 0.99384   -3.96754  -3.37002  1.000 62.37401  ? 4 DG C N7    1 
ATOM 76  C C5    . DG A 1 4 ? 1.91580   -4.95485  -3.70747  1.000 62.28039  ? 4 DG C C5    1 
ATOM 77  C C6    . DG A 1 4 ? 2.08863   -5.67439  -4.91870  1.000 57.93924  ? 4 DG C C6    1 
ATOM 78  O O6    . DG A 1 4 ? 1.44108   -5.57395  -5.96792  1.000 55.26070  ? 4 DG C O6    1 
ATOM 79  N N1    . DG A 1 4 ? 3.14398   -6.58288  -4.83317  1.000 53.40961  ? 4 DG C N1    1 
ATOM 80  C C2    . DG A 1 4 ? 3.92536   -6.76874  -3.71976  1.000 51.90488  ? 4 DG C C2    1 
ATOM 81  N N2    . DG A 1 4 ? 4.89667   -7.68237  -3.81810  1.000 54.88302  ? 4 DG C N2    1 
ATOM 82  N N3    . DG A 1 4 ? 3.77212   -6.10132  -2.58509  1.000 54.32243  ? 4 DG C N3    1 
ATOM 83  C C4    . DG A 1 4 ? 2.75415   -5.21907  -2.65212  1.000 57.58101  ? 4 DG C C4    1 
ATOM 84  P P     . DG A 1 5 ? 5.40065   -2.79162  2.64436   1.000 71.88096  ? 5 DG C P     1 
ATOM 85  O OP1   . DG A 1 5 ? 5.65160   -3.05053  4.08003   1.000 69.76514  ? 5 DG C OP1   1 
ATOM 86  O OP2   . DG A 1 5 ? 5.17610   -1.41659  2.14564   1.000 78.03126  ? 5 DG C OP2   1 
ATOM 87  O "O5'" . DG A 1 5 ? 6.59541   -3.37221  1.75236   1.000 57.33935  ? 5 DG C "O5'" 1 
ATOM 88  C "C5'" . DG A 1 5 ? 6.51082   -4.65126  1.17606   1.000 56.61753  ? 5 DG C "C5'" 1 
ATOM 89  C "C4'" . DG A 1 5 ? 7.47984   -4.74666  0.02440   1.000 62.70141  ? 5 DG C "C4'" 1 
ATOM 90  O "O4'" . DG A 1 5 ? 6.74397   -4.80967  -1.23639  1.000 66.49028  ? 5 DG C "O4'" 1 
ATOM 91  C "C3'" . DG A 1 5 ? 8.39684   -3.53294  -0.12236  1.000 70.44937  ? 5 DG C "C3'" 1 
ATOM 92  O "O3'" . DG A 1 5 ? 9.61426   -3.93232  -0.76327  1.000 69.36778  ? 5 DG C "O3'" 1 
ATOM 93  C "C2'" . DG A 1 5 ? 7.56757   -2.64743  -1.05068  1.000 70.20005  ? 5 DG C "C2'" 1 
ATOM 94  C "C1'" . DG A 1 5 ? 7.14203   -3.71115  -2.04257  1.000 66.79790  ? 5 DG C "C1'" 1 
ATOM 95  N N9    . DG A 1 5 ? 6.05086   -3.33247  -2.93411  1.000 60.90845  ? 5 DG C N9    1 
ATOM 96  C C8    . DG A 1 5 ? 5.00799   -2.47484  -2.67750  1.000 57.59092  ? 5 DG C C8    1 
ATOM 97  N N7    . DG A 1 5 ? 4.18497   -2.34548  -3.68185  1.000 56.67563  ? 5 DG C N7    1 
ATOM 98  C C5    . DG A 1 5 ? 4.71880   -3.17176  -4.66477  1.000 60.57963  ? 5 DG C C5    1 
ATOM 99  C C6    . DG A 1 5 ? 4.26114   -3.44947  -5.98413  1.000 61.08863  ? 5 DG C C6    1 
ATOM 100 O O6    . DG A 1 5 ? 3.26172   -3.00242  -6.55018  1.000 61.31515  ? 5 DG C O6    1 
ATOM 101 N N1    . DG A 1 5 ? 5.09965   -4.35314  -6.65653  1.000 60.43073  ? 5 DG C N1    1 
ATOM 102 C C2    . DG A 1 5 ? 6.24380   -4.91843  -6.11604  1.000 63.80550  ? 5 DG C C2    1 
ATOM 103 N N2    . DG A 1 5 ? 6.93523   -5.76089  -6.90932  1.000 63.93718  ? 5 DG C N2    1 
ATOM 104 N N3    . DG A 1 5 ? 6.68266   -4.66745  -4.87379  1.000 64.22643  ? 5 DG C N3    1 
ATOM 105 C C4    . DG A 1 5 ? 5.86862   -3.78593  -4.21435  1.000 63.53573  ? 5 DG C C4    1 
ATOM 106 P P     . DG A 1 6 ? 11.02210  -3.25666  -0.37034  1.000 70.26077  ? 6 DG C P     1 
ATOM 107 O OP1   . DG A 1 6 ? 11.11828  -3.40763  1.11101   1.000 74.04307  ? 6 DG C OP1   1 
ATOM 108 O OP2   . DG A 1 6 ? 11.21071  -1.92515  -0.99973  1.000 61.68950  ? 6 DG C OP2   1 
ATOM 109 O "O5'" . DG A 1 6 ? 12.05826  -4.17990  -1.14282  1.000 71.64971  ? 6 DG C "O5'" 1 
ATOM 110 C "C5'" . DG A 1 6 ? 11.57169  -5.10733  -2.09571  1.000 69.85695  ? 6 DG C "C5'" 1 
ATOM 111 C "C4'" . DG A 1 6 ? 11.93367  -4.66313  -3.49450  1.000 72.27918  ? 6 DG C "C4'" 1 
ATOM 112 O "O4'" . DG A 1 6 ? 10.72843  -4.26467  -4.20616  1.000 74.51910  ? 6 DG C "O4'" 1 
ATOM 113 C "C3'" . DG A 1 6 ? 12.88943  -3.46704  -3.54878  1.000 73.07278  ? 6 DG C "C3'" 1 
ATOM 114 O "O3'" . DG A 1 6 ? 13.94679  -3.72303  -4.45866  1.000 84.12316  ? 6 DG C "O3'" 1 
ATOM 115 C "C2'" . DG A 1 6 ? 12.00538  -2.32424  -4.03174  1.000 71.73515  ? 6 DG C "C2'" 1 
ATOM 116 C "C1'" . DG A 1 6 ? 10.98217  -3.06306  -4.88597  1.000 73.01234  ? 6 DG C "C1'" 1 
ATOM 117 N N9    . DG A 1 6 ? 9.72552   -2.31688  -5.05869  1.000 68.98202  ? 6 DG C N9    1 
ATOM 118 C C8    . DG A 1 6 ? 9.17014   -1.41214  -4.17471  1.000 66.47468  ? 6 DG C C8    1 
ATOM 119 N N7    . DG A 1 6 ? 8.06887   -0.86582  -4.60607  1.000 63.47589  ? 6 DG C N7    1 
ATOM 120 C C5    . DG A 1 6 ? 7.87965   -1.43064  -5.85719  1.000 63.35188  ? 6 DG C C5    1 
ATOM 121 C C6    . DG A 1 6 ? 6.85024   -1.21841  -6.78677  1.000 60.06106  ? 6 DG C C6    1 
ATOM 122 O O6    . DG A 1 6 ? 5.87428   -0.47224  -6.66626  1.000 57.33311  ? 6 DG C O6    1 
ATOM 123 N N1    . DG A 1 6 ? 7.02528   -1.98505  -7.95349  1.000 61.93728  ? 6 DG C N1    1 
ATOM 124 C C2    . DG A 1 6 ? 8.08405   -2.86045  -8.17514  1.000 62.02495  ? 6 DG C C2    1 
ATOM 125 N N2    . DG A 1 6 ? 8.08871   -3.51729  -9.34020  1.000 60.33214  ? 6 DG C N2    1 
ATOM 126 N N3    . DG A 1 6 ? 9.06175   -3.07332  -7.29867  1.000 61.79178  ? 6 DG C N3    1 
ATOM 127 C C4    . DG A 1 6 ? 8.89468   -2.32666  -6.16293  1.000 65.65714  ? 6 DG C C4    1 
ATOM 128 O "O5'" . DC B 2 1 ? -18.09913 9.55298   5.82235   1.000 55.26501  ? 1 DC A "O5'" 1 
ATOM 129 C "C5'" . DC B 2 1 ? -16.93563 10.12844  6.44281   1.000 49.98760  ? 1 DC A "C5'" 1 
ATOM 130 C "C4'" . DC B 2 1 ? -16.76770 9.63920   7.87601   1.000 43.88039  ? 1 DC A "C4'" 1 
ATOM 131 O "O4'" . DC B 2 1 ? -17.36080 8.31402   8.03848   1.000 42.77150  ? 1 DC A "O4'" 1 
ATOM 132 C "C3'" . DC B 2 1 ? -15.34198 9.36768   8.27319   1.000 47.29142  ? 1 DC A "C3'" 1 
ATOM 133 O "O3'" . DC B 2 1 ? -14.55961 10.54779  8.46216   1.000 55.43469  ? 1 DC A "O3'" 1 
ATOM 134 C "C2'" . DC B 2 1 ? -15.56479 8.49651   9.47960   1.000 42.32760  ? 1 DC A "C2'" 1 
ATOM 135 C "C1'" . DC B 2 1 ? -16.43918 7.49514   8.77534   1.000 41.05743  ? 1 DC A "C1'" 1 
ATOM 136 N N1    . DC B 2 1 ? -15.62066 6.65579   7.80232   1.000 42.43186  ? 1 DC A N1    1 
ATOM 137 C C2    . DC B 2 1 ? -14.60863 5.81745   8.29425   1.000 45.03416  ? 1 DC A C2    1 
ATOM 138 O O2    . DC B 2 1 ? -14.42595 5.73631   9.51603   1.000 43.16201  ? 1 DC A O2    1 
ATOM 139 N N3    . DC B 2 1 ? -13.86004 5.10314   7.40976   1.000 45.13523  ? 1 DC A N3    1 
ATOM 140 C C4    . DC B 2 1 ? -14.09126 5.20558   6.09407   1.000 42.57730  ? 1 DC A C4    1 
ATOM 141 N N4    . DC B 2 1 ? -13.33917 4.47926   5.26271   1.000 41.14298  ? 1 DC A N4    1 
ATOM 142 C C5    . DC B 2 1 ? -15.10019 6.05398   5.57761   1.000 40.54278  ? 1 DC A C5    1 
ATOM 143 C C6    . DC B 2 1 ? -15.82918 6.75313   6.44935   1.000 42.28445  ? 1 DC A C6    1 
ATOM 144 P P     . DG B 2 2 ? -14.73254 11.54574  9.69029   1.000 54.50795  ? 2 DG A P     1 
ATOM 145 O OP1   . DG B 2 2 ? -15.99954 11.26973  10.40184  1.000 61.91883  ? 2 DG A OP1   1 
ATOM 146 O OP2   . DG B 2 2 ? -14.53189 12.87295  9.04257   1.000 57.79593  ? 2 DG A OP2   1 
ATOM 147 O "O5'" . DG B 2 2 ? -13.53628 11.14898  10.66864  1.000 46.17897  ? 2 DG A "O5'" 1 
ATOM 148 C "C5'" . DG B 2 2 ? -13.80426 10.21053  11.68657  1.000 47.79187  ? 2 DG A "C5'" 1 
ATOM 149 C "C4'" . DG B 2 2 ? -12.55630 9.49607   12.09160  1.000 47.14330  ? 2 DG A "C4'" 1 
ATOM 150 O "O4'" . DG B 2 2 ? -12.36279 8.30590   11.27808  1.000 45.88544  ? 2 DG A "O4'" 1 
ATOM 151 C "C3'" . DG B 2 2 ? -11.30969 10.32590  11.90214  1.000 49.22732  ? 2 DG A "C3'" 1 
ATOM 152 O "O3'" . DG B 2 2 ? -10.41123 9.97599   12.88121  1.000 55.23525  ? 2 DG A "O3'" 1 
ATOM 153 C "C2'" . DG B 2 2 ? -10.81978 9.85335   10.55322  1.000 51.33782  ? 2 DG A "C2'" 1 
ATOM 154 C "C1'" . DG B 2 2 ? -11.07216 8.36978   10.72386  1.000 48.85785  ? 2 DG A "C1'" 1 
ATOM 155 N N9    . DG B 2 2 ? -11.00808 7.62886   9.47231   1.000 42.42806  ? 2 DG A N9    1 
ATOM 156 C C8    . DG B 2 2 ? -11.66788 7.91479   8.31132   1.000 38.42636  ? 2 DG A C8    1 
ATOM 157 N N7    . DG B 2 2 ? -11.38432 7.09686   7.34892   1.000 40.53519  ? 2 DG A N7    1 
ATOM 158 C C5    . DG B 2 2 ? -10.45867 6.21378   7.90562   1.000 43.05641  ? 2 DG A C5    1 
ATOM 159 C C6    . DG B 2 2 ? -9.78119  5.08908   7.33264   1.000 43.04809  ? 2 DG A C6    1 
ATOM 160 O O6    . DG B 2 2 ? -9.85345  4.64479   6.17399   1.000 42.91843  ? 2 DG A O6    1 
ATOM 161 N N1    . DG B 2 2 ? -8.94359  4.47029   8.24767   1.000 40.43141  ? 2 DG A N1    1 
ATOM 162 C C2    . DG B 2 2 ? -8.76410  4.88500   9.54243   1.000 46.62008  ? 2 DG A C2    1 
ATOM 163 N N2    . DG B 2 2 ? -7.89915  4.16135   10.28504  1.000 48.52153  ? 2 DG A N2    1 
ATOM 164 N N3    . DG B 2 2 ? -9.38555  5.93617   10.08313  1.000 46.24424  ? 2 DG A N3    1 
ATOM 165 C C4    . DG B 2 2 ? -10.21046 6.54579   9.20655   1.000 42.40728  ? 2 DG A C4    1 
ATOM 166 P P     . DA B 2 3 ? -9.35983  11.05886  13.38887  1.000 62.26579  ? 3 DA A P     1 
ATOM 167 O OP1   . DA B 2 3 ? -10.21944 11.94526  14.22612  1.000 66.17896  ? 3 DA A OP1   1 
ATOM 168 O OP2   . DA B 2 3 ? -8.59269  11.59112  12.23940  1.000 50.53025  ? 3 DA A OP2   1 
ATOM 169 O "O5'" . DA B 2 3 ? -8.30456  10.19514  14.23281  1.000 58.29455  ? 3 DA A "O5'" 1 
ATOM 170 C "C5'" . DA B 2 3 ? -8.42777  8.78239   14.27800  1.000 54.43387  ? 3 DA A "C5'" 1 
ATOM 171 C "C4'" . DA B 2 3 ? -7.11027  8.13162   13.92544  1.000 60.12325  ? 3 DA A "C4'" 1 
ATOM 172 O "O4'" . DA B 2 3 ? -7.19004  7.52174   12.60193  1.000 59.88524  ? 3 DA A "O4'" 1 
ATOM 173 C "C3'" . DA B 2 3 ? -5.91593  9.08651   13.84296  1.000 64.68756  ? 3 DA A "C3'" 1 
ATOM 174 O "O3'" . DA B 2 3 ? -4.73776  8.38903   14.20211  1.000 69.32484  ? 3 DA A "O3'" 1 
ATOM 175 C "C2'" . DA B 2 3 ? -5.87777  9.41022   12.35571  1.000 62.32092  ? 3 DA A "C2'" 1 
ATOM 176 C "C1'" . DA B 2 3 ? -6.11671  8.01612   11.81507  1.000 55.93017  ? 3 DA A "C1'" 1 
ATOM 177 N N9    . DA B 2 3 ? -6.52280  7.98560   10.43765  1.000 49.90711  ? 3 DA A N9    1 
ATOM 178 C C8    . DA B 2 3 ? -7.43723  8.79663   9.83971   1.000 47.19715  ? 3 DA A C8    1 
ATOM 179 N N7    . DA B 2 3 ? -7.62957  8.52403   8.58021   1.000 45.90029  ? 3 DA A N7    1 
ATOM 180 C C5    . DA B 2 3 ? -6.79486  7.44593   8.34480   1.000 45.45501  ? 3 DA A C5    1 
ATOM 181 C C6    . DA B 2 3 ? -6.54167  6.69156   7.19595   1.000 42.20950  ? 3 DA A C6    1 
ATOM 182 N N6    . DA B 2 3 ? -7.13889  6.94486   6.03714   1.000 52.84049  ? 3 DA A N6    1 
ATOM 183 N N1    . DA B 2 3 ? -5.66406  5.67018   7.27755   1.000 36.45105  ? 3 DA A N1    1 
ATOM 184 C C2    . DA B 2 3 ? -5.07387  5.43818   8.44568   1.000 45.50525  ? 3 DA A C2    1 
ATOM 185 N N3    . DA B 2 3 ? -5.21923  6.09814   9.61054   1.000 51.37851  ? 3 DA A N3    1 
ATOM 186 C C4    . DA B 2 3 ? -6.10769  7.09947   9.47898   1.000 50.43310  ? 3 DA A C4    1 
ATOM 187 P P     . DC B 2 4 ? -3.52891  9.20058   14.84315  1.000 68.82325  ? 4 DC A P     1 
ATOM 188 O OP1   . DC B 2 4 ? -3.78777  8.94790   16.27994  1.000 70.18005  ? 4 DC A OP1   1 
ATOM 189 O OP2   . DC B 2 4 ? -3.55698  10.57133  14.24596  1.000 61.04861  ? 4 DC A OP2   1 
ATOM 190 O "O5'" . DC B 2 4 ? -2.16702  8.49893   14.32307  1.000 55.05448  ? 4 DC A "O5'" 1 
ATOM 191 C "C5'" . DC B 2 4 ? -2.16953  7.19127   13.82542  1.000 55.22389  ? 4 DC A "C5'" 1 
ATOM 192 C "C4'" . DC B 2 4 ? -1.33922  7.10282   12.54787  1.000 60.32121  ? 4 DC A "C4'" 1 
ATOM 193 O "O4'" . DC B 2 4 ? -2.19317  7.19997   11.35752  1.000 61.37249  ? 4 DC A "O4'" 1 
ATOM 194 C "C3'" . DC B 2 4 ? -0.26713  8.19117   12.36794  1.000 60.77593  ? 4 DC A "C3'" 1 
ATOM 195 O "O3'" . DC B 2 4 ? 0.92574   7.59551   11.87418  1.000 60.62501  ? 4 DC A "O3'" 1 
ATOM 196 C "C2'" . DC B 2 4 ? -0.88705  9.08700   11.29292  1.000 59.97068  ? 4 DC A "C2'" 1 
ATOM 197 C "C1'" . DC B 2 4 ? -1.51403  8.01304   10.43116  1.000 57.34431  ? 4 DC A "C1'" 1 
ATOM 198 N N1    . DC B 2 4 ? -2.44281  8.50722   9.39054   1.000 50.37376  ? 4 DC A N1    1 
ATOM 199 C C2    . DC B 2 4 ? -2.41917  7.90513   8.13784   1.000 47.46758  ? 4 DC A C2    1 
ATOM 200 O O2    . DC B 2 4 ? -1.64465  6.97585   7.95200   1.000 46.74554  ? 4 DC A O2    1 
ATOM 201 N N3    . DC B 2 4 ? -3.25384  8.34776   7.17373   1.000 48.01670  ? 4 DC A N3    1 
ATOM 202 C C4    . DC B 2 4 ? -4.07541  9.36112   7.42860   1.000 50.58223  ? 4 DC A C4    1 
ATOM 203 N N4    . DC B 2 4 ? -4.88254  9.77582   6.43993   1.000 50.27007  ? 4 DC A N4    1 
ATOM 204 C C5    . DC B 2 4 ? -4.11149  9.99870   8.71213   1.000 49.85135  ? 4 DC A C5    1 
ATOM 205 C C6    . DC B 2 4 ? -3.28009  9.54462   9.65215   1.000 50.80194  ? 4 DC A C6    1 
ATOM 206 P P     . DG B 2 5 ? 2.34756   8.02894   12.46471  1.000 65.50360  ? 5 DG A P     1 
ATOM 207 O OP1   . DG B 2 5 ? 2.24610   7.59228   13.87637  1.000 67.03262  ? 5 DG A OP1   1 
ATOM 208 O OP2   . DG B 2 5 ? 2.65553   9.44351   12.11933  1.000 57.53738  ? 5 DG A OP2   1 
ATOM 209 O "O5'" . DG B 2 5 ? 3.38337   7.13872   11.63764  1.000 61.57177  ? 5 DG A "O5'" 1 
ATOM 210 C "C5'" . DG B 2 5 ? 2.91527   6.01444   10.90854  1.000 58.84417  ? 5 DG A "C5'" 1 
ATOM 211 C "C4'" . DG B 2 5 ? 3.51727   5.97918   9.50770   1.000 63.86993  ? 5 DG A "C4'" 1 
ATOM 212 O "O4'" . DG B 2 5 ? 2.53822   6.44525   8.53612   1.000 64.24308  ? 5 DG A "O4'" 1 
ATOM 213 C "C3'" . DG B 2 5 ? 4.77127   6.82681   9.29676   1.000 58.44116  ? 5 DG A "C3'" 1 
ATOM 214 O "O3'" . DG B 2 5 ? 5.67062   6.13402   8.46770   1.000 57.00167  ? 5 DG A "O3'" 1 
ATOM 215 C "C2'" . DG B 2 5 ? 4.23794   8.08443   8.60515   1.000 62.74457  ? 5 DG A "C2'" 1 
ATOM 216 C "C1'" . DG B 2 5 ? 3.04530   7.55196   7.81061   1.000 61.61408  ? 5 DG A "C1'" 1 
ATOM 217 N N9    . DG B 2 5 ? 1.96157   8.52767   7.64794   1.000 54.00938  ? 5 DG A N9    1 
ATOM 218 C C8    . DG B 2 5 ? 1.50592   9.43669   8.58136   1.000 53.55754  ? 5 DG A C8    1 
ATOM 219 N N7    . DG B 2 5 ? 0.51073   10.17162  8.16060   1.000 50.72800  ? 5 DG A N7    1 
ATOM 220 C C5    . DG B 2 5 ? 0.28248   9.71365   6.86832   1.000 54.40487  ? 5 DG A C5    1 
ATOM 221 C C6    . DG B 2 5 ? -0.67930  10.13268  5.90229   1.000 52.05610  ? 5 DG A C6    1 
ATOM 222 O O6    . DG B 2 5 ? -1.54840  11.02315  6.00869   1.000 54.81458  ? 5 DG A O6    1 
ATOM 223 N N1    . DG B 2 5 ? -0.55498  9.40870   4.70098   1.000 45.03604  ? 5 DG A N1    1 
ATOM 224 C C2    . DG B 2 5 ? 0.37382   8.39753   4.49157   1.000 52.44318  ? 5 DG A C2    1 
ATOM 225 N N2    . DG B 2 5 ? 0.35514   7.79532   3.29304   1.000 54.48200  ? 5 DG A N2    1 
ATOM 226 N N3    . DG B 2 5 ? 1.27045   7.99811   5.39596   1.000 52.41719  ? 5 DG A N3    1 
ATOM 227 C C4    . DG B 2 5 ? 1.17123   8.69912   6.54589   1.000 53.10562  ? 5 DG A C4    1 
ATOM 228 P P     . DC C 3 1 ? 2.21448   -0.14738  -16.56447 1.000 98.36623  ? 1 DC B P     1 
ATOM 229 O OP1   . DC C 3 1 ? 1.87130   0.67621   -17.75648 1.000 86.52488  ? 1 DC B OP1   1 
ATOM 230 O OP2   . DC C 3 1 ? 1.16046   -0.68322  -15.65349 1.000 78.10321  ? 1 DC B OP2   1 
ATOM 231 O "O5'" . DC C 3 1 ? 3.15711   -1.35693  -17.05039 1.000 82.58889  ? 1 DC B "O5'" 1 
ATOM 232 C "C5'" . DC C 3 1 ? 4.55262   -1.32789  -16.75683 1.000 78.16708  ? 1 DC B "C5'" 1 
ATOM 233 C "C4'" . DC C 3 1 ? 4.95914   -2.49660  -15.85547 1.000 82.52201  ? 1 DC B "C4'" 1 
ATOM 234 O "O4'" . DC C 3 1 ? 5.28565   -2.03215  -14.50630 1.000 77.84804  ? 1 DC B "O4'" 1 
ATOM 235 C "C3'" . DC C 3 1 ? 3.91615   -3.60166  -15.66516 1.000 78.43764  ? 1 DC B "C3'" 1 
ATOM 236 O "O3'" . DC C 3 1 ? 4.58985   -4.82879  -15.61974 1.000 82.24985  ? 1 DC B "O3'" 1 
ATOM 237 C "C2'" . DC C 3 1 ? 3.34688   -3.26955  -14.29241 1.000 73.34507  ? 1 DC B "C2'" 1 
ATOM 238 C "C1'" . DC C 3 1 ? 4.62498   -2.85897  -13.58368 1.000 69.31120  ? 1 DC B "C1'" 1 
ATOM 239 N N1    . DC C 3 1 ? 4.39946   -2.10282  -12.35259 1.000 64.78780  ? 1 DC B N1    1 
ATOM 240 C C2    . DC C 3 1 ? 5.37357   -2.09919  -11.35814 1.000 61.59371  ? 1 DC B C2    1 
ATOM 241 O O2    . DC C 3 1 ? 6.41481   -2.72464  -11.54917 1.000 63.19972  ? 1 DC B O2    1 
ATOM 242 N N3    . DC C 3 1 ? 5.14729   -1.40666  -10.21480 1.000 58.63637  ? 1 DC B N3    1 
ATOM 243 C C4    . DC C 3 1 ? 3.99466   -0.73561  -10.06928 1.000 60.41607  ? 1 DC B C4    1 
ATOM 244 N N4    . DC C 3 1 ? 3.80201   -0.04833  -8.94519  1.000 64.12640  ? 1 DC B N4    1 
ATOM 245 C C5    . DC C 3 1 ? 2.99259   -0.73693  -11.07336 1.000 63.67029  ? 1 DC B C5    1 
ATOM 246 C C6    . DC C 3 1 ? 3.23673   -1.42339  -12.19011 1.000 67.52327  ? 1 DC B C6    1 
ATOM 247 P P     . DC C 3 2 ? 3.98945   -6.14433  -16.31331 1.000 91.47022  ? 2 DC B P     1 
ATOM 248 O OP1   . DC C 3 2 ? 3.81029   -5.84197  -17.75742 1.000 90.40076  ? 2 DC B OP1   1 
ATOM 249 O OP2   . DC C 3 2 ? 2.82251   -6.58721  -15.50710 1.000 78.73812  ? 2 DC B OP2   1 
ATOM 250 O "O5'" . DC C 3 2 ? 5.18329   -7.19714  -16.11772 1.000 83.05461  ? 2 DC B "O5'" 1 
ATOM 251 C "C5'" . DC C 3 2 ? 6.42647   -6.75362  -15.54249 1.000 81.99378  ? 2 DC B "C5'" 1 
ATOM 252 C "C4'" . DC C 3 2 ? 6.69249   -7.43062  -14.19307 1.000 85.17930  ? 2 DC B "C4'" 1 
ATOM 253 O "O4'" . DC C 3 2 ? 6.38152   -6.54170  -13.06982 1.000 82.47848  ? 2 DC B "O4'" 1 
ATOM 254 C "C3'" . DC C 3 2 ? 5.90250   -8.71035  -13.92293 1.000 84.59110  ? 2 DC B "C3'" 1 
ATOM 255 O "O3'" . DC C 3 2 ? 6.76202   -9.62662  -13.30341 1.000 87.61704  ? 2 DC B "O3'" 1 
ATOM 256 C "C2'" . DC C 3 2 ? 4.82351   -8.23679  -12.94971 1.000 74.01957  ? 2 DC B "C2'" 1 
ATOM 257 C "C1'" . DC C 3 2 ? 5.63483   -7.27107  -12.11277 1.000 72.28868  ? 2 DC B "C1'" 1 
ATOM 258 N N1    . DC C 3 2 ? 4.79381   -6.33523  -11.32504 1.000 67.76866  ? 2 DC B N1    1 
ATOM 259 C C2    . DC C 3 2 ? 5.19424   -5.91875  -10.03357 1.000 65.55604  ? 2 DC B C2    1 
ATOM 260 O O2    . DC C 3 2 ? 6.27015   -6.33328  -9.55836  1.000 60.71535  ? 2 DC B O2    1 
ATOM 261 N N3    . DC C 3 2 ? 4.37872   -5.05297  -9.34703  1.000 63.62606  ? 2 DC B N3    1 
ATOM 262 C C4    . DC C 3 2 ? 3.22838   -4.62910  -9.90011  1.000 62.84761  ? 2 DC B C4    1 
ATOM 263 N N4    . DC C 3 2 ? 2.45669   -3.78768  -9.20648  1.000 55.19460  ? 2 DC B N4    1 
ATOM 264 C C5    . DC C 3 2 ? 2.81831   -5.05312  -11.19729 1.000 69.96963  ? 2 DC B C5    1 
ATOM 265 C C6    . DC C 3 2 ? 3.61787   -5.89676  -11.86260 1.000 70.94641  ? 2 DC B C6    1 
ATOM 266 P P     . DC C 3 3 ? 6.32853   -11.15683 -13.10527 1.000 102.03546 ? 3 DC B P     1 
ATOM 267 O OP1   . DC C 3 3 ? 6.71482   -11.85405 -14.36267 1.000 99.71807  ? 3 DC B OP1   1 
ATOM 268 O OP2   . DC C 3 3 ? 4.91462   -11.22084 -12.63495 1.000 79.87945  ? 3 DC B OP2   1 
ATOM 269 O "O5'" . DC C 3 3 ? 7.28837   -11.63419 -11.91357 1.000 87.31707  ? 3 DC B "O5'" 1 
ATOM 270 C "C5'" . DC C 3 3 ? 8.16015   -10.69693 -11.30184 1.000 78.68868  ? 3 DC B "C5'" 1 
ATOM 271 C "C4'" . DC C 3 3 ? 8.16223   -10.90979 -9.81227  1.000 76.58334  ? 3 DC B "C4'" 1 
ATOM 272 O "O4'" . DC C 3 3 ? 7.31685   -9.91374  -9.15870  1.000 76.29759  ? 3 DC B "O4'" 1 
ATOM 273 C "C3'" . DC C 3 3 ? 7.61373   -12.25834 -9.37988  1.000 74.45351  ? 3 DC B "C3'" 1 
ATOM 274 O "O3'" . DC C 3 3 ? 8.31169   -12.68023 -8.22853  1.000 83.91050  ? 3 DC B "O3'" 1 
ATOM 275 C "C2'" . DC C 3 3 ? 6.16054   -11.92688 -9.05428  1.000 72.41255  ? 3 DC B "C2'" 1 
ATOM 276 C "C1'" . DC C 3 3 ? 6.34139   -10.57482 -8.38014  1.000 71.28094  ? 3 DC B "C1'" 1 
ATOM 277 N N1    . DC C 3 3 ? 5.11241   -9.74351  -8.35279  1.000 62.76219  ? 3 DC B N1    1 
ATOM 278 C C2    . DC C 3 3 ? 4.79555   -9.01738  -7.21698  1.000 57.62413  ? 3 DC B C2    1 
ATOM 279 O O2    . DC C 3 3 ? 5.54205   -9.08463  -6.24313  1.000 59.62206  ? 3 DC B O2    1 
ATOM 280 N N3    . DC C 3 3 ? 3.66604   -8.26462  -7.21461  1.000 57.31166  ? 3 DC B N3    1 
ATOM 281 C C4    . DC C 3 3 ? 2.88557   -8.23652  -8.28899  1.000 56.23641  ? 3 DC B C4    1 
ATOM 282 N N4    . DC C 3 3 ? 1.78902   -7.48760  -8.25414  1.000 57.86737  ? 3 DC B N4    1 
ATOM 283 C C5    . DC C 3 3 ? 3.19589   -8.97019  -9.45225  1.000 64.02681  ? 3 DC B C5    1 
ATOM 284 C C6    . DC C 3 3 ? 4.30675   -9.70533  -9.44079  1.000 70.72060  ? 3 DC B C6    1 
ATOM 285 P P     . DG C 3 4 ? 8.57244   -14.24047 -7.97272  1.000 94.56327  ? 4 DG B P     1 
ATOM 286 O OP1   . DG C 3 4 ? 10.02727  -14.47215 -8.12621  1.000 99.27806  ? 4 DG B OP1   1 
ATOM 287 O OP2   . DG C 3 4 ? 7.55487   -14.98907 -8.75970  1.000 88.10678  ? 4 DG B OP2   1 
ATOM 288 O "O5'" . DG C 3 4 ? 8.22834   -14.44467 -6.43807  1.000 73.35710  ? 4 DG B "O5'" 1 
ATOM 289 C "C5'" . DG C 3 4 ? 8.60221   -13.47690 -5.49986  1.000 70.85457  ? 4 DG B "C5'" 1 
ATOM 290 C "C4'" . DG C 3 4 ? 7.58271   -13.44966 -4.38704  1.000 71.59810  ? 4 DG B "C4'" 1 
ATOM 291 O "O4'" . DG C 3 4 ? 6.47653   -12.59450 -4.75681  1.000 71.21427  ? 4 DG B "O4'" 1 
ATOM 292 C "C3'" . DG C 3 4 ? 6.94555   -14.80550 -4.07868  1.000 71.14080  ? 4 DG B "C3'" 1 
ATOM 293 O "O3'" . DG C 3 4 ? 6.75747   -14.91384 -2.68050  1.000 71.13626  ? 4 DG B "O3'" 1 
ATOM 294 C "C2'" . DG C 3 4 ? 5.61090   -14.72840 -4.81775  1.000 64.18214  ? 4 DG B "C2'" 1 
ATOM 295 C "C1'" . DG C 3 4 ? 5.28375   -13.29615 -4.50973  1.000 66.76924  ? 4 DG B "C1'" 1 
ATOM 296 N N9    . DG C 3 4 ? 4.22879   -12.71121 -5.29794  1.000 60.30116  ? 4 DG B N9    1 
ATOM 297 C C8    . DG C 3 4 ? 3.92140   -12.95265 -6.60308  1.000 62.22260  ? 4 DG B C8    1 
ATOM 298 N N7    . DG C 3 4 ? 2.91560   -12.23525 -7.02776  1.000 69.06226  ? 4 DG B N7    1 
ATOM 299 C C5    . DG C 3 4 ? 2.55244   -11.46704 -5.92179  1.000 61.03435  ? 4 DG B C5    1 
ATOM 300 C C6    . DG C 3 4 ? 1.52935   -10.48955 -5.76054  1.000 56.07594  ? 4 DG B C6    1 
ATOM 301 O O6    . DG C 3 4 ? 0.69099   -10.07779 -6.59829  1.000 51.41514  ? 4 DG B O6    1 
ATOM 302 N N1    . DG C 3 4 ? 1.53630   -9.97646  -4.46967  1.000 52.73161  ? 4 DG B N1    1 
ATOM 303 C C2    . DG C 3 4 ? 2.40834   -10.35267 -3.47863  1.000 51.36980  ? 4 DG B C2    1 
ATOM 304 N N2    . DG C 3 4 ? 2.26893   -9.75593  -2.29485  1.000 54.36241  ? 4 DG B N2    1 
ATOM 305 N N3    . DG C 3 4 ? 3.34907   -11.23967 -3.62847  1.000 52.79155  ? 4 DG B N3    1 
ATOM 306 C C4    . DG C 3 4 ? 3.36312   -11.75444 -4.86299  1.000 56.05358  ? 4 DG B C4    1 
ATOM 307 P P     . DC C 3 5 ? 6.70769   -16.36721 -2.00040  1.000 79.94394  ? 5 DC B P     1 
ATOM 308 O OP1   . DC C 3 5 ? 7.31626   -16.24766 -0.64081  1.000 71.34222  ? 5 DC B OP1   1 
ATOM 309 O OP2   . DC C 3 5 ? 7.25421   -17.34020 -2.97777  1.000 74.46308  ? 5 DC B OP2   1 
ATOM 310 O "O5'" . DC C 3 5 ? 5.14237   -16.70846 -1.98000  1.000 71.46805  ? 5 DC B "O5'" 1 
ATOM 311 C "C5'" . DC C 3 5 ? 4.42017   -16.75745 -0.74310  1.000 74.94325  ? 5 DC B "C5'" 1 
ATOM 312 C "C4'" . DC C 3 5 ? 4.24443   -15.36977 -0.15998  1.000 67.34887  ? 5 DC B "C4'" 1 
ATOM 313 O "O4'" . DC C 3 5 ? 3.75900   -14.48407 -1.19356  1.000 68.69211  ? 5 DC B "O4'" 1 
ATOM 314 C "C3'" . DC C 3 5 ? 3.18796   -15.26343 0.91932   1.000 58.75583  ? 5 DC B "C3'" 1 
ATOM 315 O "O3'" . DC C 3 5 ? 3.35609   -14.00870 1.59140   1.000 56.47372  ? 5 DC B "O3'" 1 
ATOM 316 C "C2'" . DC C 3 5 ? 1.94514   -15.24232 0.05919   1.000 56.49173  ? 5 DC B "C2'" 1 
ATOM 317 C "C1'" . DC C 3 5 ? 2.41141   -14.17472 -0.90700  1.000 62.70751  ? 5 DC B "C1'" 1 
ATOM 318 N N1    . DC C 3 5 ? 1.68017   -14.06401 -2.16130  1.000 54.18816  ? 5 DC B N1    1 
ATOM 319 C C2    . DC C 3 5 ? 0.59131   -13.22677 -2.20446  1.000 52.84737  ? 5 DC B C2    1 
ATOM 320 O O2    . DC C 3 5 ? 0.23493   -12.66538 -1.16353  1.000 56.54575  ? 5 DC B O2    1 
ATOM 321 N N3    . DC C 3 5 ? -0.06170  -13.06623 -3.36064  1.000 54.14070  ? 5 DC B N3    1 
ATOM 322 C C4    . DC C 3 5 ? 0.36446   -13.67857 -4.44705  1.000 56.81760  ? 5 DC B C4    1 
ATOM 323 N N4    . DC C 3 5 ? -0.31697  -13.47035 -5.58233  1.000 59.34987  ? 5 DC B N4    1 
ATOM 324 C C5    . DC C 3 5 ? 1.50787   -14.52579 -4.42954  1.000 57.46005  ? 5 DC B C5    1 
ATOM 325 C C6    . DC C 3 5 ? 2.13525   -14.68129 -3.27401  1.000 54.38240  ? 5 DC B C6    1 
# 
loop_
_atom_site_anisotrop.id 
_atom_site_anisotrop.type_symbol 
_atom_site_anisotrop.pdbx_label_atom_id 
_atom_site_anisotrop.pdbx_label_alt_id 
_atom_site_anisotrop.pdbx_label_comp_id 
_atom_site_anisotrop.pdbx_label_asym_id 
_atom_site_anisotrop.pdbx_label_seq_id 
_atom_site_anisotrop.pdbx_PDB_ins_code 
_atom_site_anisotrop.U[1][1] 
_atom_site_anisotrop.U[2][2] 
_atom_site_anisotrop.U[3][3] 
_atom_site_anisotrop.U[1][2] 
_atom_site_anisotrop.U[1][3] 
_atom_site_anisotrop.U[2][3] 
_atom_site_anisotrop.pdbx_auth_seq_id 
_atom_site_anisotrop.pdbx_auth_comp_id 
_atom_site_anisotrop.pdbx_auth_asym_id 
_atom_site_anisotrop.pdbx_auth_atom_id 
1   P P     . DC A 1 ? 1.10739 0.81057 1.00789 -0.04056 -0.22617 0.04711  1 DC C P     
2   O OP1   . DC A 1 ? 1.15894 0.79765 1.02622 -0.05734 -0.29649 0.04593  1 DC C OP1   
3   O OP2   . DC A 1 ? 1.13552 0.82666 1.04145 -0.03332 -0.24754 0.03770  1 DC C OP2   
4   O "O5'" . DC A 1 ? 1.00987 0.73310 0.90445 -0.05422 -0.20135 0.05239  1 DC C "O5'" 
5   C "C5'" . DC A 1 ? 1.02313 0.75709 0.91801 -0.06613 -0.18881 0.05696  1 DC C "C5'" 
6   C "C4'" . DC A 1 ? 0.97188 0.72445 0.86444 -0.08117 -0.18005 0.05976  1 DC C "C4'" 
7   O "O4'" . DC A 1 ? 0.88834 0.64018 0.77569 -0.09416 -0.19933 0.07202  1 DC C "O4'" 
8   C "C3'" . DC A 1 ? 0.93295 0.69258 0.82405 -0.07731 -0.16957 0.05405  1 DC C "C3'" 
9   O "O3'" . DC A 1 ? 0.96343 0.74125 0.85222 -0.08885 -0.16206 0.05357  1 DC C "O3'" 
10  C "C2'" . DC A 1 ? 0.95413 0.70619 0.83828 -0.08152 -0.18929 0.06164  1 DC C "C2'" 
11  C "C1'" . DC A 1 ? 0.84599 0.60418 0.72868 -0.09870 -0.20107 0.07451  1 DC C "C1'" 
12  N N1    . DC A 1 ? 0.83979 0.60653 0.72314 -0.09953 -0.22274 0.07310  1 DC C N1    
13  C C2    . DC A 1 ? 0.76982 0.61340 0.66062 -0.10644 -0.21164 0.07253  1 DC C C2    
14  O O2    . DC A 1 ? 0.75013 0.61001 0.63929 -0.11932 -0.19704 0.08969  1 DC C O2    
15  N N3    . DC A 1 ? 0.71322 0.61528 0.61735 -0.09899 -0.21759 0.04986  1 DC C N3    
16  C C4    . DC A 1 ? 0.69930 0.58976 0.61414 -0.08747 -0.23283 0.02565  1 DC C C4    
17  N N4    . DC A 1 ? 0.68285 0.63630 0.61544 -0.08564 -0.23657 -0.00255 1 DC C N4    
18  C C5    . DC A 1 ? 0.73456 0.54940 0.64440 -0.07713 -0.24491 0.02919  1 DC C C5    
19  C C6    . DC A 1 ? 0.83947 0.59273 0.73089 -0.08179 -0.24009 0.05515  1 DC C C6    
20  P P     . DG A 2 ? 1.03390 0.81794 0.91663 -0.08714 -0.15449 0.04748  2 DG C P     
21  O OP1   . DG A 2 ? 0.98555 0.76917 0.85737 -0.08893 -0.15587 0.04307  2 DG C OP1   
22  O OP2   . DG A 2 ? 0.97007 0.69492 0.80954 -0.08983 -0.20657 0.06147  2 DG C OP2   
23  O "O5'" . DG A 2 ? 0.90559 0.70278 0.78169 -0.10357 -0.16060 0.06393  2 DG C "O5'" 
24  C "C5'" . DG A 2 ? 0.85395 0.66523 0.73001 -0.11886 -0.16694 0.07822  2 DG C "C5'" 
25  C "C4'" . DG A 2 ? 0.88567 0.73720 0.76755 -0.13130 -0.16364 0.09805  2 DG C "C4'" 
26  O "O4'" . DG A 2 ? 0.88735 0.76296 0.77724 -0.13202 -0.16234 0.10399  2 DG C "O4'" 
27  C "C3'" . DG A 2 ? 0.85404 0.71685 0.72860 -0.12151 -0.15292 0.09710  2 DG C "C3'" 
28  O "O3'" . DG A 2 ? 0.87281 0.79323 0.75413 -0.11061 -0.13565 0.11557  2 DG C "O3'" 
29  C "C2'" . DG A 2 ? 0.71704 0.57027 0.59402 -0.12424 -0.15666 0.09114  2 DG C "C2'" 
30  C "C1'" . DG A 2 ? 0.74380 0.63291 0.63014 -0.12453 -0.15656 0.10026  2 DG C "C1'" 
31  N N9    . DG A 2 ? 0.70243 0.57704 0.58524 -0.11760 -0.16751 0.09079  2 DG C N9    
32  C C8    . DG A 2 ? 0.75984 0.57147 0.63573 -0.11150 -0.18175 0.08068  2 DG C C8    
33  N N7    . DG A 2 ? 0.68179 0.51726 0.56317 -0.09758 -0.19187 0.06696  2 DG C N7    
34  C C5    . DG A 2 ? 0.67148 0.58446 0.56129 -0.09915 -0.18370 0.06506  2 DG C C5    
35  C C6    . DG A 2 ? 0.67461 0.64834 0.57796 -0.09158 -0.18965 0.04224  2 DG C C6    
36  O O6    . DG A 2 ? 0.64979 0.62908 0.56526 -0.08332 -0.20237 0.01618  2 DG C O6    
37  N N1    . DG A 2 ? 0.62921 0.66178 0.53541 -0.09624 -0.17884 0.04982  2 DG C N1    
38  C C2    . DG A 2 ? 0.60005 0.63817 0.50084 -0.10683 -0.16248 0.07866  2 DG C C2    
39  N N2    . DG A 2 ? 0.54626 0.64146 0.45356 -0.11220 -0.15216 0.08749  2 DG C N2    
40  N N3    . DG A 2 ? 0.62770 0.62219 0.52311 -0.11309 -0.15660 0.09445  2 DG C N3    
41  C C4    . DG A 2 ? 0.65775 0.58898 0.54614 -0.11013 -0.16815 0.08522  2 DG C C4    
42  P P     . DT A 3 ? 0.89808 0.82966 0.76803 -0.09264 -0.11870 0.12475  3 DT C P     
43  O OP1   . DT A 3 ? 0.74550 0.67417 0.60806 -0.08007 -0.10984 0.13644  3 DT C OP1   
44  O OP2   . DT A 3 ? 0.74221 0.63737 0.59939 -0.09493 -0.12418 0.10981  3 DT C OP2   
45  O "O5'" . DT A 3 ? 0.81970 0.81319 0.70515 -0.09009 -0.10659 0.13888  3 DT C "O5'" 
46  C "C5'" . DT A 3 ? 0.73331 0.76105 0.63610 -0.10309 -0.11178 0.13987  3 DT C "C5'" 
47  C "C4'" . DT A 3 ? 0.62826 0.69303 0.53782 -0.10665 -0.10713 0.13839  3 DT C "C4'" 
48  O "O4'" . DT A 3 ? 0.53159 0.58496 0.43710 -0.11346 -0.11797 0.12486  3 DT C "O4'" 
49  C "C3'" . DT A 3 ? 0.66995 0.72227 0.56943 -0.09959 -0.10204 0.13522  3 DT C "C3'" 
50  O "O3'" . DT A 3 ? 0.71622 0.82306 0.62918 -0.09767 -0.08952 0.14735  3 DT C "O3'" 
51  C "C2'" . DT A 3 ? 0.63720 0.66837 0.53028 -0.10594 -0.11206 0.11908  3 DT C "C2'" 
52  C "C1'" . DT A 3 ? 0.51373 0.57450 0.41441 -0.11086 -0.11621 0.11669  3 DT C "C1'" 
53  N N1    . DT A 3 ? 0.55279 0.58495 0.44433 -0.10698 -0.13092 0.09729  3 DT C N1    
54  C C2    . DT A 3 ? 0.54514 0.61708 0.44099 -0.10248 -0.13638 0.08300  3 DT C C2    
55  O O2    . DT A 3 ? 0.50643 0.63069 0.41047 -0.10736 -0.12775 0.08916  3 DT C O2    
56  N N3    . DT A 3 ? 0.56356 0.61568 0.45956 -0.09242 -0.15285 0.05758  3 DT C N3    
57  C C4    . DT A 3 ? 0.55597 0.54705 0.44604 -0.09000 -0.16153 0.05358  3 DT C C4    
58  O O4    . DT A 3 ? 0.54857 0.52946 0.44577 -0.08171 -0.17464 0.03203  3 DT C O4    
59  C C5    . DT A 3 ? 0.60323 0.54412 0.48308 -0.09929 -0.15439 0.07336  3 DT C C5    
60  C C7    . DT A 3 ? 0.72480 0.58638 0.59598 -0.09987 -0.16404 0.07026  3 DT C C7    
61  C C6    . DT A 3 ? 0.64133 0.60954 0.52391 -0.10627 -0.14046 0.08995  3 DT C C6    
62  P P     . DG A 4 ? 0.70179 0.82282 0.61691 -0.08334 -0.07654 0.16497  4 DG C P     
63  O OP1   . DG A 4 ? 0.59734 0.69188 0.49424 -0.07375 -0.07126 0.16380  4 DG C OP1   
64  O OP2   . DG A 4 ? 0.79806 0.98965 0.74389 -0.08868 -0.07004 0.17901  4 DG C OP2   
65  O "O5'" . DG A 4 ? 0.67733 0.75707 0.57880 -0.07483 -0.07833 0.16641  4 DG C "O5'" 
66  C "C5'" . DG A 4 ? 0.78028 0.81854 0.65728 -0.05710 -0.06936 0.17032  4 DG C "C5'" 
67  C "C4'" . DG A 4 ? 0.79903 0.86134 0.68195 -0.04564 -0.05597 0.18915  4 DG C "C4'" 
68  O "O4'" . DG A 4 ? 0.77545 0.78278 0.62410 -0.02734 -0.04541 0.19137  4 DG C "O4'" 
69  C "C3'" . DG A 4 ? 0.79733 0.88551 0.69916 -0.05108 -0.05930 0.19637  4 DG C "C3'" 
70  O "O3'" . DG A 4 ? 0.81891 0.95764 0.74328 -0.04487 -0.04801 0.21574  4 DG C "O3'" 
71  C "C2'" . DG A 4 ? 0.83925 0.86678 0.71190 -0.04083 -0.05909 0.19165  4 DG C "C2'" 
72  C "C1'" . DG A 4 ? 0.78763 0.77877 0.63060 -0.02277 -0.04466 0.19502  4 DG C "C1'" 
73  N N9    . DG A 4 ? 0.76947 0.69952 0.58010 -0.01253 -0.04279 0.18508  4 DG C N9    
74  C C8    . DG A 4 ? 0.82022 0.73340 0.63517 -0.02266 -0.05622 0.16918  4 DG C C8    
75  N N7    . DG A 4 ? 0.89798 0.77477 0.69717 -0.01507 -0.05252 0.16566  4 DG C N7    
76  C C5    . DG A 4 ? 0.90849 0.77279 0.68510 0.00919  -0.02929 0.18207  4 DG C C5    
77  C C6    . DG A 4 ? 0.85979 0.70882 0.63282 0.02421  -0.01430 0.18945  4 DG C C6    
78  O O6    . DG A 4 ? 0.83078 0.66169 0.60718 0.01174  -0.02657 0.18416  4 DG C O6    
79  N N1    . DG A 4 ? 0.83577 0.63610 0.55745 0.03146  -0.00521 0.18364  4 DG C N1    
80  C C2    . DG A 4 ? 0.80404 0.63463 0.53349 0.01324  -0.01662 0.20132  4 DG C C2    
81  N N2    . DG A 4 ? 0.83319 0.68186 0.57025 0.01380  -0.01043 0.22116  4 DG C N2    
82  N N3    . DG A 4 ? 0.80471 0.68909 0.57020 0.00869  -0.02024 0.20370  4 DG C N3    
83  C C4    . DG A 4 ? 0.84229 0.72724 0.61828 0.00555  -0.02829 0.19011  4 DG C C4    
84  P P     . DG A 5 ? 0.86113 1.05244 0.81758 -0.05291 -0.05038 0.22772  5 DG C P     
85  O OP1   . DG A 5 ? 0.79699 1.06410 0.78967 -0.05975 -0.04745 0.23770  5 DG C OP1   
86  O OP2   . DG A 5 ? 0.95071 1.11437 0.89974 -0.06638 -0.06488 0.21508  5 DG C OP2   
87  O "O5'" . DG A 5 ? 0.68307 0.86265 0.63290 -0.03486 -0.03798 0.24302  5 DG C "O5'" 
88  C "C5'" . DG A 5 ? 0.69379 0.83806 0.61935 -0.01670 -0.02485 0.24693  5 DG C "C5'" 
89  C "C4'" . DG A 5 ? 0.78491 0.90161 0.69584 -0.00437 -0.01683 0.25529  5 DG C "C4'" 
90  O "O4'" . DG A 5 ? 0.87616 0.91106 0.73910 -0.00043 -0.01893 0.24021  5 DG C "O4'" 
91  C "C3'" . DG A 5 ? 0.86742 1.01051 0.79882 -0.01327 -0.02417 0.26061  5 DG C "C3'" 
92  O "O3'" . DG A 5 ? 0.85008 1.00045 0.78513 0.00092  -0.01179 0.27728  5 DG C "O3'" 
93  C "C2'" . DG A 5 ? 0.89616 0.97561 0.79551 -0.02111 -0.03705 0.24087  5 DG C "C2'" 
94  C "C1'" . DG A 5 ? 0.88841 0.90430 0.74532 -0.00517 -0.02670 0.23636  5 DG C "C1'" 
95  N N9    . DG A 5 ? 0.84710 0.79849 0.66866 -0.00550 -0.03418 0.21680  5 DG C N9    
96  C C8    . DG A 5 ? 0.80197 0.75329 0.63292 -0.01772 -0.04846 0.20145  5 DG C C8    
97  N N7    . DG A 5 ? 0.81131 0.71891 0.62318 -0.01387 -0.05092 0.18909  5 DG C N7    
98  C C5    . DG A 5 ? 0.88403 0.75419 0.66353 0.00629  -0.03364 0.19666  5 DG C C5    
99  C C6    . DG A 5 ? 0.90424 0.74449 0.67235 0.01882  -0.02468 0.19549  5 DG C C6    
100 O O6    . DG A 5 ? 0.90475 0.73797 0.68699 0.00155  -0.04202 0.18130  5 DG C O6    
101 N N1    . DG A 5 ? 0.91537 0.72561 0.65512 0.03514  -0.00688 0.19643  5 DG C N1    
102 C C2    . DG A 5 ? 0.96606 0.77109 0.68717 0.01565  -0.01958 0.20905  5 DG C C2    
103 N N2    . DG A 5 ? 0.97045 0.77074 0.68813 0.01034  -0.02021 0.22430  5 DG C N2    
104 N N3    . DG A 5 ? 0.93835 0.80494 0.69704 0.01341  -0.01846 0.22230  5 DG C N3    
105 C C4    . DG A 5 ? 0.91593 0.80329 0.69486 0.00699  -0.02732 0.21146  5 DG C C4    
106 P P     . DG A 6 ? 0.82473 1.04308 0.80179 -0.00284 -0.01193 0.29604  6 DG C P     
107 O OP1   . DG A 6 ? 0.83549 1.12600 0.85181 -0.00900 -0.01286 0.30413  6 DG C OP1   
108 O OP2   . DG A 6 ? 0.72453 0.92391 0.69550 -0.01688 -0.02543 0.28969  6 DG C OP2   
109 O "O5'" . DG A 6 ? 0.84374 1.06025 0.81837 0.02004  0.00678  0.31344  6 DG C "O5'" 
110 C "C5'" . DG A 6 ? 0.85574 1.00821 0.79030 0.03377  0.01649  0.30674  6 DG C "C5'" 
111 C "C4'" . DG A 6 ? 0.91152 1.01613 0.81863 0.03562  0.01603  0.30423  6 DG C "C4'" 
112 O "O4'" . DG A 6 ? 0.97921 1.01011 0.84206 0.02516  0.00325  0.28105  6 DG C "O4'" 
113 C "C3'" . DG A 6 ? 0.90112 1.04197 0.83333 0.02603  0.00829  0.31330  6 DG C "C3'" 
114 O "O3'" . DG A 6 ? 1.04146 1.18215 0.97269 0.04009  0.02061  0.32797  6 DG C "O3'" 
115 C "C2'" . DG A 6 ? 0.91006 1.00021 0.81532 0.00797  -0.01092 0.29233  6 DG C "C2'" 
116 C "C1'" . DG A 6 ? 0.96827 0.98183 0.82404 0.01537  -0.00801 0.27658  6 DG C "C1'" 
117 N N9    . DG A 6 ? 0.94090 0.90809 0.77202 0.00393  -0.02354 0.25383  6 DG C N9    
118 C C8    . DG A 6 ? 0.89176 0.88716 0.74680 -0.01138 -0.03764 0.24546  6 DG C C8    
119 N N7    . DG A 6 ? 0.87346 0.82798 0.71035 -0.01642 -0.04823 0.22672  6 DG C N7    
120 C C5    . DG A 6 ? 0.90497 0.80073 0.70138 -0.00099 -0.03846 0.22261  6 DG C C5    
121 C C6    . DG A 6 ? 0.88083 0.73863 0.66260 0.00314  -0.04028 0.20887  6 DG C C6    
122 O O6    . DG A 6 ? 0.83769 0.70131 0.63939 -0.01475 -0.05893 0.19421  6 DG C O6    
123 N N1    . DG A 6 ? 0.92869 0.74610 0.67856 0.02338  -0.02225 0.21223  6 DG C N1    
124 C C2    . DG A 6 ? 0.94912 0.74027 0.66728 0.02175  -0.01947 0.21761  6 DG C C2    
125 N N2    . DG A 6 ? 0.95056 0.69929 0.64250 0.01259  -0.02642 0.21035  6 DG C N2    
126 N N3    . DG A 6 ? 0.91929 0.76243 0.66608 0.01586  -0.01927 0.23848  6 DG C N3    
127 C C4    . DG A 6 ? 0.93835 0.83261 0.72372 0.00811  -0.02586 0.23770  6 DG C C4    
128 O "O5'" . DC B 1 ? 0.65749 0.73125 0.71108 -0.02303 -0.24361 -0.18252 1 DC A "O5'" 
129 C "C5'" . DC B 1 ? 0.58653 0.67692 0.63585 -0.02998 -0.24291 -0.18275 1 DC A "C5'" 
130 C "C4'" . DC B 1 ? 0.49160 0.64097 0.53468 -0.04558 -0.23352 -0.18475 1 DC A "C4'" 
131 O "O4'" . DC B 1 ? 0.47703 0.64155 0.50655 -0.05623 -0.22475 -0.17053 1 DC A "O4'" 
132 C "C3'" . DC B 1 ? 0.53899 0.69847 0.55939 -0.06327 -0.22859 -0.16256 1 DC A "C3'" 
133 O "O3'" . DC B 1 ? 0.64003 0.79728 0.66895 -0.05949 -0.23610 -0.17356 1 DC A "O3'" 
134 C "C2'" . DC B 1 ? 0.46232 0.66529 0.48066 -0.06991 -0.22172 -0.16058 1 DC A "C2'" 
135 C "C1'" . DC B 1 ? 0.45535 0.64033 0.46432 -0.07252 -0.21839 -0.14830 1 DC A "C1'" 
136 N N1    . DC B 1 ? 0.49344 0.64690 0.47187 -0.08780 -0.21329 -0.11342 1 DC A N1    
137 C C2    . DC B 1 ? 0.53451 0.68026 0.49631 -0.09393 -0.21181 -0.08676 1 DC A C2    
138 O O2    . DC B 1 ? 0.49335 0.67656 0.47006 -0.08445 -0.21356 -0.10157 1 DC A O2    
139 N N3    . DC B 1 ? 0.54466 0.68350 0.48677 -0.10352 -0.18875 -0.05880 1 DC A N3    
140 C C4    . DC B 1 ? 0.50435 0.64987 0.46353 -0.08015 -0.18272 -0.08566 1 DC A C4    
141 N N4    . DC B 1 ? 0.50380 0.60678 0.45267 -0.06585 -0.18234 -0.06956 1 DC A N4    
142 C C5    . DC B 1 ? 0.48977 0.59219 0.45848 -0.07368 -0.19982 -0.09872 1 DC A C5    
143 C C6    . DC B 1 ? 0.50128 0.62309 0.48223 -0.07699 -0.20937 -0.11569 1 DC A C6    
144 P P     . DG B 2 ? 0.60742 0.80363 0.66001 -0.05132 -0.24109 -0.20517 2 DG A P     
145 O OP1   . DG B 2 ? 0.68215 0.91607 0.75441 -0.04143 -0.23574 -0.22822 2 DG A OP1   
146 O OP2   . DG B 2 ? 0.65569 0.81766 0.72263 -0.03860 -0.25457 -0.21908 2 DG A OP2   
147 O "O5'" . DG B 2 ? 0.49736 0.72400 0.53323 -0.06784 -0.23585 -0.18860 2 DG A "O5'" 
148 C "C5'" . DG B 2 ? 0.50225 0.77406 0.53956 -0.06900 -0.22378 -0.18898 2 DG A "C5'" 
149 C "C4'" . DG B 2 ? 0.49687 0.77746 0.51691 -0.07931 -0.21839 -0.16321 2 DG A "C4'" 
150 O "O4'" . DG B 2 ? 0.49919 0.74452 0.49972 -0.08376 -0.21706 -0.13247 2 DG A "O4'" 
151 C "C3'" . DG B 2 ? 0.53343 0.79167 0.54531 -0.08666 -0.22998 -0.15372 2 DG A "C3'" 
152 O "O3'" . DG B 2 ? 0.59638 0.89442 0.60789 -0.08848 -0.22045 -0.14911 2 DG A "O3'" 
153 C "C2'" . DG B 2 ? 0.58698 0.78817 0.57546 -0.09632 -0.23638 -0.12067 2 DG A "C2'" 
154 C "C1'" . DG B 2 ? 0.55433 0.76262 0.53943 -0.08938 -0.22617 -0.10903 2 DG A "C1'" 
155 N N9    . DG B 2 ? 0.49755 0.64941 0.46511 -0.08943 -0.22607 -0.08286 2 DG A N9    
156 C C8    . DG B 2 ? 0.44954 0.60247 0.40801 -0.10366 -0.21127 -0.07985 2 DG A C8    
157 N N7    . DG B 2 ? 0.46598 0.64787 0.42631 -0.09374 -0.18309 -0.07971 2 DG A N7    
158 C C5    . DG B 2 ? 0.50532 0.64688 0.48375 -0.04068 -0.20236 -0.09330 2 DG A C5    
159 C C6    . DG B 2 ? 0.51137 0.65975 0.46451 -0.05173 -0.18836 -0.06423 2 DG A C6    
160 O O6    . DG B 2 ? 0.52526 0.64283 0.46261 -0.05960 -0.17867 -0.04327 2 DG A O6    
161 N N1    . DG B 2 ? 0.47718 0.64179 0.41725 -0.06552 -0.17967 -0.03866 2 DG A N1    
162 C C2    . DG B 2 ? 0.53943 0.74386 0.48806 -0.07472 -0.17982 -0.04413 2 DG A C2    
163 N N2    . DG B 2 ? 0.55047 0.80185 0.49128 -0.08878 -0.15499 -0.01926 2 DG A N2    
164 N N3    . DG B 2 ? 0.52943 0.73442 0.49322 -0.07451 -0.19871 -0.06833 2 DG A N3    
165 C C4    . DG B 2 ? 0.49914 0.64542 0.46672 -0.06798 -0.21797 -0.07729 2 DG A C4    
166 P P     . DA B 3 ? 0.68185 0.98848 0.69548 -0.09374 -0.22960 -0.15493 3 DA A P     
167 O OP1   . DA B 3 ? 0.71200 1.05684 0.74566 -0.08754 -0.22832 -0.19196 3 DA A OP1   
168 O OP2   . DA B 3 ? 0.55890 0.80317 0.55785 -0.10190 -0.24871 -0.13416 3 DA A OP2   
169 O "O5'" . DA B 3 ? 0.61735 0.97217 0.62541 -0.09725 -0.20997 -0.13940 3 DA A "O5'" 
170 C "C5'" . DA B 3 ? 0.56338 0.94120 0.56367 -0.09709 -0.18794 -0.12188 3 DA A "C5'" 
171 C "C4'" . DA B 3 ? 0.64196 1.01463 0.62781 -0.10162 -0.17850 -0.09090 3 DA A "C4'" 
172 O "O4'" . DA B 3 ? 0.66119 0.97684 0.63734 -0.09502 -0.18452 -0.07442 3 DA A "O4'" 
173 C "C3'" . DA B 3 ? 0.70477 1.06284 0.69022 -0.10469 -0.19204 -0.08814 3 DA A "C3'" 
174 O "O3'" . DA B 3 ? 0.75437 1.15046 0.72919 -0.11416 -0.16956 -0.06085 3 DA A "O3'" 
175 C "C2'" . DA B 3 ? 0.70200 0.98163 0.68429 -0.09532 -0.21566 -0.08381 3 DA A "C2'" 
176 C "C1'" . DA B 3 ? 0.62533 0.90313 0.59662 -0.09236 -0.19645 -0.06423 3 DA A "C1'" 
177 N N9    . DA B 3 ? 0.57066 0.78564 0.53993 -0.07881 -0.21179 -0.06658 3 DA A N9    
178 C C8    . DA B 3 ? 0.55115 0.71311 0.52901 -0.07099 -0.23294 -0.08285 3 DA A C8    
179 N N7    . DA B 3 ? 0.53206 0.69318 0.51876 -0.04774 -0.21634 -0.09654 3 DA A N7    
180 C C5    . DA B 3 ? 0.53143 0.70132 0.49433 -0.05971 -0.20624 -0.06494 3 DA A C5    
181 C C6    . DA B 3 ? 0.50537 0.64940 0.44900 -0.06615 -0.18966 -0.03572 3 DA A C6    
182 N N6    . DA B 3 ? 0.65306 0.76094 0.59371 -0.06781 -0.19022 -0.03482 3 DA A N6    
183 N N1    . DA B 3 ? 0.43899 0.58123 0.36475 -0.07841 -0.17332 0.00114  3 DA A N1    
184 C C2    . DA B 3 ? 0.53826 0.72488 0.46585 -0.08804 -0.16432 0.01021  3 DA A C2    
185 N N3    . DA B 3 ? 0.59608 0.81963 0.53644 -0.08917 -0.17135 -0.00985 3 DA A N3    
186 C C4    . DA B 3 ? 0.58673 0.78727 0.54223 -0.07568 -0.19647 -0.04513 3 DA A C4    
187 P P     . DC B 4 ? 0.73907 1.16120 0.71470 -0.12327 -0.17182 -0.05864 4 DC A P     
188 O OP1   . DC B 4 ? 0.73097 1.22553 0.71002 -0.13110 -0.15238 -0.06709 4 DC A OP1   
189 O OP2   . DC B 4 ? 0.65595 1.02354 0.64007 -0.11629 -0.20540 -0.07936 4 DC A OP2   
190 O "O5'" . DC B 4 ? 0.56888 0.99200 0.53093 -0.13150 -0.15580 -0.01855 4 DC A "O5'" 
191 C "C5'" . DC B 4 ? 0.57430 0.99643 0.52751 -0.13316 -0.13587 0.00902  4 DC A "C5'" 
192 C "C4'" . DC B 4 ? 0.65712 1.03207 0.60275 -0.13233 -0.13943 0.03252  4 DC A "C4'" 
193 O "O4'" . DC B 4 ? 0.69221 1.00391 0.63576 -0.11779 -0.15631 0.01892  4 DC A "O4'" 
194 C "C3'" . DC B 4 ? 0.66647 1.02989 0.61286 -0.13611 -0.15296 0.03374  4 DC A "C3'" 
195 O "O3'" . DC B 4 ? 0.66494 1.03221 0.60633 -0.14677 -0.13657 0.07217  4 DC A "O3'" 
196 C "C2'" . DC B 4 ? 0.67690 0.97517 0.62655 -0.12033 -0.18122 0.00807  4 DC A "C2'" 
197 C "C1'" . DC B 4 ? 0.65548 0.92620 0.59714 -0.11455 -0.17119 0.02032  4 DC A "C1'" 
198 N N1    . DC B 4 ? 0.58357 0.80161 0.52881 -0.09784 -0.19081 -0.00399 4 DC A N1    
199 C C2    . DC B 4 ? 0.56395 0.74239 0.49721 -0.09684 -0.18338 0.01588  4 DC A C2    
200 O O2    . DC B 4 ? 0.55667 0.73924 0.48020 -0.10831 -0.16477 0.05028  4 DC A O2    
201 N N3    . DC B 4 ? 0.58234 0.72355 0.51852 -0.08638 -0.19418 -0.00178 4 DC A N3    
202 C C4    . DC B 4 ? 0.60353 0.75929 0.55907 -0.07623 -0.20896 -0.04105 4 DC A C4    
203 N N4    . DC B 4 ? 0.61006 0.73411 0.56586 -0.07729 -0.21135 -0.04669 4 DC A N4    
204 C C5    . DC B 4 ? 0.57711 0.76650 0.55052 -0.07072 -0.22313 -0.06872 4 DC A C5    
205 C C6    . DC B 4 ? 0.58519 0.79667 0.54837 -0.08525 -0.21426 -0.04412 4 DC A C6    
206 P P     . DG B 5 ? 0.71268 1.11936 0.65680 -0.16216 -0.12996 0.09160  5 DG A P     
207 O OP1   . DG B 5 ? 0.70815 1.18251 0.65628 -0.17008 -0.11273 0.09129  5 DG A OP1   
208 O OP2   . DG B 5 ? 0.62312 0.99647 0.56658 -0.15911 -0.15615 0.07337  5 DG A OP2   
209 O "O5'" . DG B 5 ? 0.66173 1.06636 0.61136 -0.17112 -0.11192 0.13255  5 DG A "O5'" 
210 C "C5'" . DG B 5 ? 0.63200 1.01768 0.58613 -0.16609 -0.10165 0.14306  5 DG A "C5'" 
211 C "C4'" . DG B 5 ? 0.71004 1.04932 0.66740 -0.16571 -0.10618 0.15813  5 DG A "C4'" 
212 O "O4'" . DG B 5 ? 0.74360 1.01376 0.68359 -0.15213 -0.12514 0.13660  5 DG A "O4'" 
213 C "C3'" . DG B 5 ? 0.63910 0.98083 0.60057 -0.17584 -0.11169 0.17111  5 DG A "C3'" 
214 O "O3'" . DG B 5 ? 0.61181 0.95821 0.59579 -0.18054 -0.10240 0.19468  5 DG A "O3'" 
215 C "C2'" . DG B 5 ? 0.72135 0.99938 0.66327 -0.16641 -0.13838 0.14671  5 DG A "C2'" 
216 C "C1'" . DG B 5 ? 0.72494 0.95687 0.65923 -0.15282 -0.14194 0.13367  5 DG A "C1'" 
217 N N9    . DG B 5 ? 0.64377 0.83869 0.56964 -0.13858 -0.16513 0.09880  5 DG A N9    
218 C C8    . DG B 5 ? 0.62900 0.84562 0.56031 -0.13259 -0.18001 0.06796  5 DG A C8    
219 N N7    . DG B 5 ? 0.60209 0.78740 0.53794 -0.11821 -0.19904 0.03568  5 DG A N7    
220 C C5    . DG B 5 ? 0.66801 0.80456 0.59456 -0.11656 -0.19507 0.05043  5 DG A C5    
221 C C6    . DG B 5 ? 0.65400 0.74335 0.58054 -0.10741 -0.20606 0.03446  5 DG A C6    
222 O O6    . DG B 5 ? 0.68449 0.77489 0.62333 -0.09883 -0.21965 0.00228  5 DG A O6    
223 N N1    . DG B 5 ? 0.58654 0.62458 0.50004 -0.11252 -0.19783 0.06116  5 DG A N1    
224 C C2    . DG B 5 ? 0.67967 0.72428 0.58866 -0.12384 -0.18052 0.09213  5 DG A C2    
225 N N2    . DG B 5 ? 0.72329 0.71963 0.62715 -0.12824 -0.17585 0.10580  5 DG A N2    
226 N N3    . DG B 5 ? 0.65914 0.75823 0.57424 -0.13184 -0.16809 0.10648  5 DG A N3    
227 C C4    . DG B 5 ? 0.65300 0.79174 0.57303 -0.12869 -0.17583 0.08742  5 DG A C4    
228 P P     . DC C 1 ? 1.52213 1.08003 1.13531 -0.05233 -0.12821 0.08312  1 DC B P     
229 O OP1   . DC C 1 ? 1.39148 0.91813 0.97794 -0.06630 -0.15250 0.06550  1 DC B OP1   
230 O OP2   . DC C 1 ? 1.26428 0.82541 0.87787 -0.05473 -0.13169 0.07113  1 DC B OP2   
231 O "O5'" . DC C 1 ? 1.32377 0.88227 0.93196 -0.02852 -0.09372 0.10757  1 DC B "O5'" 
232 C "C5'" . DC C 1 ? 1.24463 0.84094 0.88443 -0.01589 -0.07433 0.13920  1 DC B "C5'" 
233 C "C4'" . DC C 1 ? 1.28196 0.91098 0.94253 0.00130  -0.05020 0.16179  1 DC B "C4'" 
234 O "O4'" . DC C 1 ? 1.19422 0.87102 0.89263 0.00018  -0.05006 0.17517  1 DC B "O4'" 
235 C "C3'" . DC C 1 ? 1.24576 0.85101 0.88349 0.00411  -0.04698 0.14641  1 DC B "C3'" 
236 O "O3'" . DC C 1 ? 1.28999 0.90548 0.92963 0.02098  -0.02453 0.16687  1 DC B "O3'" 
237 C "C2'" . DC C 1 ? 1.16359 0.79703 0.82616 -0.00398 -0.05611 0.14226  1 DC B "C2'" 
238 C "C1'" . DC C 1 ? 1.08130 0.76790 0.78431 0.00330  -0.04520 0.17283  1 DC B "C1'" 
239 N N1    . DC C 1 ? 1.00728 0.72168 0.73268 -0.00516 -0.05501 0.16935  1 DC B N1    
240 C C2    . DC C 1 ? 0.94016 0.70516 0.69495 0.00722  -0.03924 0.19635  1 DC B C2    
241 O O2    . DC C 1 ? 0.94511 0.73998 0.71622 0.02218  -0.02034 0.22516  1 DC B O2    
242 N N3    . DC C 1 ? 0.89381 0.67532 0.65879 -0.00172 -0.04964 0.18782  1 DC B N3    
243 C C4    . DC C 1 ? 0.92519 0.68465 0.68570 -0.02518 -0.07691 0.15892  1 DC B C4    
244 N N4    . DC C 1 ? 0.95873 0.74043 0.73735 -0.03789 -0.08969 0.15329  1 DC B N4    
245 C C5    . DC C 1 ? 0.99059 0.70354 0.72504 -0.03625 -0.09286 0.13399  1 DC B C5    
246 C C6    . DC C 1 ? 1.05384 0.74389 0.76785 -0.02508 -0.08063 0.13898  1 DC B C6    
247 P P     . DC C 2 ? 1.43759 1.00547 1.03241 0.03041  -0.01373 0.15257  2 DC B P     
248 O OP1   . DC C 2 ? 1.45218 0.97412 1.00852 0.02754  -0.01905 0.13641  2 DC B OP1   
249 O OP2   . DC C 2 ? 1.27892 0.84282 0.86995 0.02497  -0.01990 0.13791  2 DC B OP2   
250 O "O5'" . DC C 2 ? 1.32172 0.90897 0.92501 0.04872  0.00946  0.17870  2 DC B "O5'" 
251 C "C5'" . DC C 2 ? 1.27906 0.91593 0.92040 0.04856  0.01072  0.20606  2 DC B "C5'" 
252 C "C4'" . DC C 2 ? 1.30036 0.97307 0.96300 0.05102  0.01555  0.22008  2 DC B "C4'" 
253 O "O4'" . DC C 2 ? 1.23912 0.95489 0.93980 0.03432  -0.00177 0.22526  2 DC B "O4'" 
254 C "C3'" . DC C 2 ? 1.30851 0.95694 0.94862 0.06113  0.02677  0.20884  2 DC B "C3'" 
255 O "O3'" . DC C 2 ? 1.33969 1.00596 0.98340 0.07525  0.04313  0.22461  2 DC B "O3'" 
256 C "C2'" . DC C 2 ? 1.16082 0.82909 0.82250 0.04578  0.01038  0.20069  2 DC B "C2'" 
257 C "C1'" . DC C 2 ? 1.10723 0.82929 0.81012 0.03442  -0.00051 0.22064  2 DC B "C1'" 
258 N N1    . DC C 2 ? 1.03231 0.78019 0.76240 0.02319  -0.01348 0.21433  2 DC B N1    
259 C C2    . DC C 2 ? 0.97269 0.77685 0.74128 0.01435  -0.01989 0.22923  2 DC B C2    
260 O O2    . DC C 2 ? 0.91822 0.71915 0.66953 0.00543  -0.02527 0.23618  2 DC B O2    
261 N N3    . DC C 2 ? 0.94067 0.75626 0.72056 0.01916  -0.01829 0.21649  2 DC B N3    
262 C C4    . DC C 2 ? 0.95893 0.72183 0.70716 0.01020  -0.03168 0.18511  2 DC B C4    
263 N N4    . DC C 2 ? 0.86257 0.62275 0.61182 -0.00299 -0.04787 0.16508  2 DC B N4    
264 C C5    . DC C 2 ? 1.07804 0.78925 0.79125 0.00869  -0.03469 0.16870  2 DC B C5    
265 C C6    . DC C 2 ? 1.09454 0.80099 0.80012 0.01949  -0.02103 0.18460  2 DC B C6    
266 P P     . DC C 3 ? 1.53800 1.18067 1.15820 0.09191  0.06114  0.21969  3 DC B P     
267 O OP1   . DC C 3 ? 1.53553 1.13478 1.11853 0.11168  0.08108  0.21511  3 DC B OP1   
268 O OP2   . DC C 3 ? 1.26069 0.89476 0.87961 0.07845  0.04754  0.20481  3 DC B OP2   
269 O "O5'" . DC C 3 ? 1.32880 1.01543 0.97341 0.10154  0.07192  0.23996  3 DC B "O5'" 
270 C "C5'" . DC C 3 ? 1.19572 0.92495 0.86914 0.09320  0.06374  0.25297  3 DC B "C5'" 
271 C "C4'" . DC C 3 ? 1.14907 0.91631 0.84443 0.08967  0.06157  0.26019  3 DC B "C4'" 
272 O "O4'" . DC C 3 ? 1.13828 0.91559 0.84510 0.06195  0.03461  0.25174  3 DC B "O4'" 
273 C "C3'" . DC C 3 ? 1.12880 0.88588 0.81421 0.10158  0.07403  0.25911  3 DC B "C3'" 
274 O "O3'" . DC C 3 ? 1.22655 1.02665 0.93502 0.11177  0.08453  0.27390  3 DC B "O3'" 
275 C "C2'" . DC C 3 ? 1.10715 0.85322 0.79098 0.07822  0.05165  0.24478  3 DC B "C2'" 
276 C "C1'" . DC C 3 ? 1.07469 0.85238 0.78128 0.05744  0.03140  0.24660  3 DC B "C1'" 
277 N N1    . DC C 3 ? 0.96500 0.73981 0.67987 0.03399  0.00734  0.23507  3 DC B N1    
278 C C2    . DC C 3 ? 0.88771 0.68591 0.61582 0.01440  -0.01069 0.23388  3 DC B C2    
279 O O2    . DC C 3 ? 0.90920 0.72217 0.63399 0.02146  -0.00201 0.23749  3 DC B O2    
280 N N3    . DC C 3 ? 0.86444 0.68661 0.62654 0.00395  -0.02235 0.22434  3 DC B N3    
281 C C4    . DC C 3 ? 0.86468 0.65663 0.61544 0.01662  -0.01413 0.21563  3 DC B C4    
282 N N4    . DC C 3 ? 0.89084 0.66923 0.63864 0.01542  -0.01890 0.19378  3 DC B N4    
283 C C5    . DC C 3 ? 0.99050 0.73610 0.70613 0.02790  -0.00345 0.20917  3 DC B C5    
284 C C6    . DC C 3 ? 1.07887 0.82424 0.78395 0.03716  0.00795  0.22250  3 DC B C6    
285 P P     . DG C 4 ? 1.36388 1.16259 1.06651 0.13709  0.10877  0.28356  4 DG B P     
286 O OP1   . DG C 4 ? 1.40911 1.23557 1.12744 0.16215  0.13091  0.30141  4 DG B OP1   
287 O OP2   . DG C 4 ? 1.31240 1.05601 0.97925 0.13747  0.10975  0.26929  4 DG B OP2   
288 O "O5'" . DG C 4 ? 1.07484 0.91225 0.80016 0.12843  0.10171  0.28900  4 DG B "O5'" 
289 C "C5'" . DG C 4 ? 1.01673 0.90235 0.77307 0.11713  0.09124  0.29399  4 DG B "C5'" 
290 C "C4'" . DG C 4 ? 1.02113 0.91734 0.78193 0.09901  0.07618  0.28718  4 DG B "C4'" 
291 O "O4'" . DG C 4 ? 1.03368 0.89617 0.77597 0.07420  0.05322  0.26853  4 DG B "O4'" 
292 C "C3'" . DG C 4 ? 1.02552 0.90527 0.77224 0.10548  0.08349  0.28880  4 DG B "C3'" 
293 O "O3'" . DG C 4 ? 1.00408 0.92572 0.77305 0.09958  0.07952  0.29457  4 DG B "O3'" 
294 C "C2'" . DG C 4 ? 0.96491 0.79244 0.68128 0.08796  0.06777  0.27053  4 DG B "C2'" 
295 C "C1'" . DG C 4 ? 0.99001 0.83017 0.71675 0.06539  0.04646  0.26107  4 DG B "C1'" 
296 N N9    . DG C 4 ? 0.92421 0.73047 0.63649 0.04685  0.02778  0.24612  4 DG B N9    
297 C C8    . DG C 4 ? 0.96550 0.73643 0.66225 0.05308  0.03167  0.23970  4 DG B C8    
298 N N7    . DG C 4 ? 1.05385 0.81560 0.75461 0.03843  0.01587  0.22791  4 DG B N7    
299 C C5    . DG C 4 ? 0.93391 0.72909 0.65603 0.01818  -0.00227 0.22947  4 DG B C5    
300 C C6    . DG C 4 ? 0.85274 0.67293 0.60496 0.00661  -0.01514 0.22148  4 DG B C6    
301 O O6    . DG C 4 ? 0.80482 0.59914 0.54957 0.01482  -0.01161 0.20671  4 DG B O6    
302 N N1    . DG C 4 ? 0.79888 0.64343 0.56126 -0.01187 -0.02935 0.21381  4 DG B N1    
303 C C2    . DG C 4 ? 0.80585 0.62277 0.52320 -0.00013 -0.01681 0.21367  4 DG B C2    
304 N N2    . DG C 4 ? 0.83803 0.67122 0.55627 0.00664  -0.01175 0.20847  4 DG B N2    
305 N N3    . DG C 4 ? 0.81842 0.64810 0.53933 0.01659  0.00054  0.23267  4 DG B N3    
306 C C4    . DG C 4 ? 0.86744 0.67761 0.58473 0.02297  0.00512  0.23614  4 DG B C4    
307 P P     . DC C 5 ? 1.11238 1.04321 0.88191 0.11260  0.09249  0.30682  5 DC B P     
308 O OP1   . DC C 5 ? 0.96639 0.96703 0.77726 0.11556  0.09489  0.32130  5 DC B OP1   
309 O OP2   . DC C 5 ? 1.05990 0.95903 0.81032 0.13570  0.11222  0.31321  5 DC B OP2   
310 O "O5'" . DC C 5 ? 1.02895 0.91755 0.76895 0.09247  0.07689  0.29199  5 DC B "O5'" 
311 C "C5'" . DC C 5 ? 1.06153 0.97487 0.81110 0.07838  0.06679  0.29132  5 DC B "C5'" 
312 C "C4'" . DC C 5 ? 0.94894 0.89193 0.71809 0.06288  0.05265  0.28231  5 DC B "C4'" 
313 O "O4'" . DC C 5 ? 0.98777 0.88734 0.73486 0.05027  0.03962  0.26594  5 DC B "O4'" 
314 C "C3'" . DC C 5 ? 0.83386 0.79210 0.60649 0.04696  0.04115  0.27536  5 DC B "C3'" 
315 O "O3'" . DC C 5 ? 0.77945 0.78348 0.58282 0.03959  0.03364  0.27138  5 DC B "O3'" 
316 C "C2'" . DC C 5 ? 0.84080 0.73317 0.57247 0.03124  0.02741  0.25807  5 DC B "C2'" 
317 C "C1'" . DC C 5 ? 0.92498 0.80232 0.65530 0.02995  0.02254  0.25089  5 DC B "C1'" 
318 N N1    . DC C 5 ? 0.84059 0.67022 0.54810 0.01787  0.00971  0.24103  5 DC B N1    
319 C C2    . DC C 5 ? 0.82767 0.64637 0.53392 -0.00277 -0.01022 0.22425  5 DC B C2    
320 O O2    . DC C 5 ? 0.87516 0.69796 0.57538 -0.00162 -0.00927 0.21259  5 DC B O2    
321 N N3    . DC C 5 ? 0.83177 0.65980 0.56553 -0.00510 -0.01557 0.22507  5 DC B N3    
322 C C4    . DC C 5 ? 0.88217 0.67919 0.59746 0.01244  -0.00150 0.23064  5 DC B C4    
323 N N4    . DC C 5 ? 0.92682 0.69398 0.63422 0.02055  0.00226  0.21606  5 DC B N4    
324 C C5    . DC C 5 ? 0.89971 0.68579 0.59773 0.02979  0.01610  0.23904  5 DC B C5    
325 C C6    . DC C 5 ? 0.85049 0.66227 0.55353 0.03233  0.02114  0.24696  5 DC B C6    
# 
